data_1RZG
#
_entry.id   1RZG
#
_cell.length_a   63.088
_cell.length_b   89.313
_cell.length_c   85.863
_cell.angle_alpha   90.00
_cell.angle_beta   110.31
_cell.angle_gamma   90.00
#
_symmetry.space_group_name_H-M   'P 1 21 1'
#
loop_
_entity.id
_entity.type
_entity.pdbx_description
1 polymer 'Fab 412d light chain'
2 polymer 'Fab 412d heavy chain'
3 branched beta-D-fructofuranose-(2-1)-alpha-D-glucopyranose
4 non-polymer CYSTEINE
5 non-polymer 'ASPARTIC ACID'
6 water water
#
loop_
_entity_poly.entity_id
_entity_poly.type
_entity_poly.pdbx_seq_one_letter_code
_entity_poly.pdbx_strand_id
1 'polypeptide(L)'
;EVQLVQSGAEVKKPGSSVKVSCKASGGTFSNYAINWVRQAPGQGLEWMGGIIPIFNIAHYAQRFQGRVSITADESTSTAY
MELSSLRSEDTAVFYCASPYPND(TYS)NDYAPEEGMSWYFDLWGRGTLVTVSPASTKGPSVFPLAPSSKSTSGGTAALG
CLVKDYFPEPVTVSWNSGALTSGVHTFPAVLQSSGLYSLSSVVTVPSSSLGTQTYICNVNHKPSNTKVDKKVEPK
;
A,C
2 'polypeptide(L)'
;DIQMTQSPSTLSASVGDRVTITCRASQSISNWLAWYQQKPGRAPKLLMYKASSLKSGVPSRFSGSGSGTEFTLTISSLQS
DDFATYYCQQHDSSPYTFGQGTKLEIKRTVAAPSVFIFPPSDEQLKSGTASVVCLLNNFYPREAKVQWKVDNALQSGNSQ
ESVTEQDSKDSTYSLSSTLTLSKADYEKHKLYACEVTHQGLSSPVTKSFNRGEC
;
B,D
#
loop_
_chem_comp.id
_chem_comp.type
_chem_comp.name
_chem_comp.formula
FRU D-saccharide, beta linking beta-D-fructofuranose 'C6 H12 O6'
GLC D-saccharide, alpha linking alpha-D-glucopyranose 'C6 H12 O6'
#
# COMPACT_ATOMS: atom_id res chain seq x y z
N GLU A 1 -7.28 24.09 25.71
CA GLU A 1 -8.33 23.42 26.51
C GLU A 1 -9.77 23.82 26.12
N VAL A 2 -9.95 24.35 24.91
CA VAL A 2 -11.28 24.72 24.44
C VAL A 2 -11.63 23.75 23.30
N GLN A 3 -12.41 22.73 23.64
CA GLN A 3 -12.79 21.70 22.69
C GLN A 3 -14.21 21.24 22.98
N LEU A 4 -14.83 20.59 22.01
CA LEU A 4 -16.17 20.06 22.17
C LEU A 4 -15.98 18.56 22.28
N VAL A 5 -16.35 17.99 23.42
CA VAL A 5 -16.19 16.56 23.66
C VAL A 5 -17.52 15.82 23.58
N GLN A 6 -17.63 14.91 22.64
CA GLN A 6 -18.88 14.17 22.44
C GLN A 6 -18.87 12.78 23.07
N SER A 7 -20.06 12.27 23.32
CA SER A 7 -20.23 10.94 23.90
C SER A 7 -19.93 9.91 22.81
N GLY A 8 -19.71 8.67 23.22
CA GLY A 8 -19.40 7.60 22.26
C GLY A 8 -20.53 7.12 21.37
N ALA A 9 -20.17 6.39 20.32
CA ALA A 9 -21.12 5.83 19.37
C ALA A 9 -22.19 5.00 20.07
N GLU A 10 -23.33 4.83 19.41
CA GLU A 10 -24.42 4.05 19.98
C GLU A 10 -25.18 3.22 18.97
N VAL A 11 -25.80 2.15 19.46
CA VAL A 11 -26.61 1.26 18.65
C VAL A 11 -27.99 1.33 19.29
N LYS A 12 -29.00 1.64 18.48
CA LYS A 12 -30.36 1.78 18.99
C LYS A 12 -31.40 1.01 18.19
N LYS A 13 -32.34 0.42 18.91
CA LYS A 13 -33.43 -0.33 18.31
C LYS A 13 -34.45 0.67 17.78
N PRO A 14 -35.18 0.32 16.72
CA PRO A 14 -36.18 1.25 16.20
C PRO A 14 -37.20 1.58 17.30
N GLY A 15 -37.59 2.85 17.39
CA GLY A 15 -38.56 3.24 18.39
C GLY A 15 -37.96 3.76 19.68
N SER A 16 -36.67 3.51 19.89
CA SER A 16 -36.01 3.98 21.11
C SER A 16 -35.59 5.44 20.95
N SER A 17 -34.93 5.97 21.96
CA SER A 17 -34.47 7.35 21.91
C SER A 17 -33.00 7.39 22.28
N VAL A 18 -32.31 8.42 21.82
CA VAL A 18 -30.89 8.54 22.15
C VAL A 18 -30.61 9.97 22.60
N LYS A 19 -29.66 10.11 23.52
CA LYS A 19 -29.29 11.43 24.01
C LYS A 19 -27.79 11.58 23.92
N VAL A 20 -27.33 12.40 22.97
CA VAL A 20 -25.91 12.65 22.76
C VAL A 20 -25.45 13.88 23.51
N SER A 21 -24.29 13.78 24.17
CA SER A 21 -23.77 14.90 24.92
C SER A 21 -22.59 15.54 24.22
N CYS A 22 -22.35 16.80 24.57
CA CYS A 22 -21.26 17.59 24.01
C CYS A 22 -20.81 18.50 25.13
N LYS A 23 -19.64 18.21 25.68
CA LYS A 23 -19.09 18.98 26.78
C LYS A 23 -18.09 20.05 26.31
N ALA A 24 -18.33 21.28 26.74
CA ALA A 24 -17.48 22.41 26.38
C ALA A 24 -17.08 23.12 27.67
N SER A 25 -16.10 22.57 28.37
CA SER A 25 -15.66 23.13 29.65
C SER A 25 -14.70 24.31 29.57
N GLY A 26 -14.31 24.70 28.36
CA GLY A 26 -13.39 25.82 28.21
C GLY A 26 -14.10 27.15 28.08
N GLY A 27 -13.46 28.21 28.57
CA GLY A 27 -14.04 29.54 28.47
C GLY A 27 -15.38 29.64 29.17
N THR A 28 -16.19 30.63 28.80
CA THR A 28 -17.49 30.80 29.42
C THR A 28 -18.56 30.06 28.59
N PHE A 29 -19.25 29.15 29.26
CA PHE A 29 -20.29 28.33 28.65
C PHE A 29 -21.39 29.11 27.93
N SER A 30 -21.75 30.28 28.45
CA SER A 30 -22.80 31.08 27.84
C SER A 30 -22.38 31.75 26.53
N ASN A 31 -21.09 31.70 26.20
CA ASN A 31 -20.64 32.32 24.96
C ASN A 31 -20.60 31.33 23.80
N TYR A 32 -20.98 30.09 24.05
CA TYR A 32 -21.04 29.07 23.01
C TYR A 32 -22.44 29.14 22.42
N ALA A 33 -22.61 28.45 21.29
CA ALA A 33 -23.89 28.32 20.62
C ALA A 33 -23.70 26.90 20.15
N ILE A 34 -24.09 25.97 21.01
CA ILE A 34 -23.94 24.54 20.72
C ILE A 34 -24.98 24.06 19.73
N ASN A 35 -24.54 23.87 18.50
CA ASN A 35 -25.42 23.41 17.43
C ASN A 35 -25.16 21.93 17.11
N TRP A 36 -26.19 21.27 16.59
CA TRP A 36 -26.06 19.87 16.24
C TRP A 36 -26.28 19.71 14.76
N VAL A 37 -25.29 19.12 14.10
CA VAL A 37 -25.35 18.90 12.66
C VAL A 37 -25.27 17.40 12.41
N ARG A 38 -26.25 16.92 11.66
CA ARG A 38 -26.35 15.51 11.34
C ARG A 38 -25.79 15.25 9.96
N GLN A 39 -25.31 14.03 9.75
CA GLN A 39 -24.81 13.63 8.45
C GLN A 39 -25.07 12.14 8.28
N ALA A 40 -26.10 11.82 7.50
CA ALA A 40 -26.45 10.43 7.25
C ALA A 40 -25.44 9.85 6.25
N PRO A 41 -25.23 8.53 6.30
CA PRO A 41 -24.28 7.89 5.38
C PRO A 41 -24.47 8.33 3.92
N GLY A 42 -23.43 8.90 3.35
CA GLY A 42 -23.50 9.34 1.96
C GLY A 42 -24.27 10.63 1.71
N GLN A 43 -24.74 11.28 2.78
CA GLN A 43 -25.48 12.52 2.61
C GLN A 43 -24.66 13.73 3.01
N GLY A 44 -25.22 14.92 2.75
CA GLY A 44 -24.53 16.15 3.10
C GLY A 44 -24.81 16.48 4.57
N LEU A 45 -24.36 17.67 4.99
CA LEU A 45 -24.55 18.12 6.35
C LEU A 45 -25.95 18.68 6.52
N GLU A 46 -26.54 18.43 7.69
CA GLU A 46 -27.88 18.90 7.98
C GLU A 46 -27.99 19.48 9.38
N TRP A 47 -28.38 20.76 9.46
CA TRP A 47 -28.54 21.42 10.75
C TRP A 47 -29.80 20.90 11.44
N MET A 48 -29.68 20.53 12.71
CA MET A 48 -30.82 20.02 13.46
C MET A 48 -31.39 21.07 14.40
N GLY A 49 -30.50 21.83 15.02
CA GLY A 49 -30.91 22.86 15.95
C GLY A 49 -29.72 23.24 16.83
N GLY A 50 -29.94 24.15 17.77
CA GLY A 50 -28.86 24.56 18.64
C GLY A 50 -29.38 25.29 19.86
N ILE A 51 -28.48 25.59 20.78
CA ILE A 51 -28.87 26.30 22.00
C ILE A 51 -27.72 27.12 22.56
N ILE A 52 -28.07 28.26 23.14
CA ILE A 52 -27.09 29.13 23.77
C ILE A 52 -27.24 28.78 25.25
N PRO A 53 -26.20 28.16 25.85
CA PRO A 53 -26.22 27.77 27.27
C PRO A 53 -26.51 28.91 28.24
N ILE A 54 -27.03 28.56 29.40
CA ILE A 54 -27.35 29.52 30.47
C ILE A 54 -28.53 30.39 30.05
N PHE A 55 -28.42 31.10 28.94
CA PHE A 55 -29.55 31.88 28.47
C PHE A 55 -30.63 30.87 28.10
N ASN A 56 -30.19 29.70 27.68
CA ASN A 56 -31.07 28.61 27.29
C ASN A 56 -32.01 28.96 26.15
N ILE A 57 -31.46 29.62 25.14
CA ILE A 57 -32.25 30.01 23.98
C ILE A 57 -32.01 28.94 22.91
N ALA A 58 -33.08 28.26 22.50
CA ALA A 58 -32.99 27.20 21.49
C ALA A 58 -33.66 27.54 20.17
N HIS A 59 -33.18 26.90 19.11
CA HIS A 59 -33.71 27.06 17.75
C HIS A 59 -33.71 25.66 17.18
N TYR A 60 -34.78 25.29 16.48
CA TYR A 60 -34.90 23.96 15.90
C TYR A 60 -35.21 23.95 14.41
N ALA A 61 -34.70 22.94 13.72
CA ALA A 61 -34.97 22.78 12.31
C ALA A 61 -36.39 22.18 12.27
N GLN A 62 -37.20 22.62 11.31
CA GLN A 62 -38.56 22.15 11.19
C GLN A 62 -38.72 20.64 11.14
N ARG A 63 -37.86 19.96 10.38
CA ARG A 63 -37.96 18.51 10.23
C ARG A 63 -37.79 17.67 11.51
N PHE A 64 -37.19 18.24 12.53
CA PHE A 64 -36.96 17.52 13.78
C PHE A 64 -37.83 18.00 14.94
N GLN A 65 -38.55 19.09 14.73
CA GLN A 65 -39.40 19.60 15.80
C GLN A 65 -40.39 18.53 16.25
N GLY A 66 -40.45 18.32 17.56
CA GLY A 66 -41.35 17.32 18.10
C GLY A 66 -40.60 16.04 18.43
N ARG A 67 -39.56 15.73 17.66
CA ARG A 67 -38.77 14.53 17.87
C ARG A 67 -37.45 14.77 18.57
N VAL A 68 -36.97 16.01 18.53
CA VAL A 68 -35.69 16.34 19.14
C VAL A 68 -35.80 17.39 20.25
N SER A 69 -34.97 17.25 21.27
CA SER A 69 -34.94 18.21 22.37
C SER A 69 -33.47 18.51 22.63
N ILE A 70 -33.10 19.77 22.52
CA ILE A 70 -31.72 20.19 22.74
C ILE A 70 -31.68 20.97 24.05
N THR A 71 -30.76 20.58 24.94
CA THR A 71 -30.65 21.22 26.25
C THR A 71 -29.21 21.49 26.65
N ALA A 72 -29.04 22.22 27.75
CA ALA A 72 -27.71 22.55 28.25
C ALA A 72 -27.70 22.56 29.78
N ASP A 73 -26.62 22.05 30.36
CA ASP A 73 -26.47 21.98 31.82
C ASP A 73 -25.26 22.80 32.28
N GLU A 74 -25.54 23.95 32.86
CA GLU A 74 -24.50 24.85 33.35
C GLU A 74 -23.57 24.20 34.38
N SER A 75 -24.12 23.37 35.25
CA SER A 75 -23.30 22.73 36.28
C SER A 75 -22.17 21.90 35.71
N THR A 76 -22.43 21.24 34.59
CA THR A 76 -21.43 20.38 33.95
C THR A 76 -20.88 20.92 32.64
N SER A 77 -21.28 22.13 32.26
CA SER A 77 -20.83 22.72 31.01
C SER A 77 -21.06 21.75 29.85
N THR A 78 -22.18 21.03 29.89
CA THR A 78 -22.52 20.05 28.85
C THR A 78 -23.86 20.34 28.18
N ALA A 79 -23.92 20.15 26.88
CA ALA A 79 -25.16 20.36 26.12
C ALA A 79 -25.60 18.99 25.61
N TYR A 80 -26.91 18.83 25.38
CA TYR A 80 -27.42 17.55 24.92
C TYR A 80 -28.41 17.66 23.77
N MET A 81 -28.46 16.59 22.99
CA MET A 81 -29.38 16.47 21.86
C MET A 81 -30.05 15.12 22.05
N GLU A 82 -31.35 15.15 22.32
CA GLU A 82 -32.10 13.92 22.47
C GLU A 82 -33.05 13.71 21.30
N LEU A 83 -32.84 12.62 20.57
CA LEU A 83 -33.67 12.29 19.42
C LEU A 83 -34.46 11.04 19.79
N SER A 84 -35.78 11.16 19.81
CA SER A 84 -36.63 10.03 20.17
C SER A 84 -37.39 9.45 18.98
N SER A 85 -38.05 8.32 19.22
CA SER A 85 -38.81 7.66 18.16
C SER A 85 -37.87 7.36 16.99
N LEU A 86 -36.68 6.85 17.31
CA LEU A 86 -35.68 6.56 16.29
C LEU A 86 -36.14 5.58 15.22
N ARG A 87 -35.75 5.86 13.98
CA ARG A 87 -36.09 4.99 12.85
C ARG A 87 -34.80 4.65 12.12
N SER A 88 -34.87 3.68 11.21
CA SER A 88 -33.72 3.28 10.42
C SER A 88 -33.12 4.48 9.72
N GLU A 89 -33.98 5.29 9.10
CA GLU A 89 -33.53 6.48 8.39
C GLU A 89 -32.73 7.43 9.28
N ASP A 90 -32.90 7.33 10.60
CA ASP A 90 -32.19 8.21 11.52
C ASP A 90 -30.70 7.90 11.67
N THR A 91 -30.27 6.72 11.24
CA THR A 91 -28.85 6.35 11.34
C THR A 91 -27.97 7.42 10.73
N ALA A 92 -27.02 7.93 11.52
CA ALA A 92 -26.14 8.97 11.03
C ALA A 92 -25.10 9.38 12.08
N VAL A 93 -24.17 10.22 11.66
CA VAL A 93 -23.17 10.73 12.59
C VAL A 93 -23.67 12.12 13.00
N PHE A 94 -23.72 12.35 14.31
CA PHE A 94 -24.17 13.63 14.83
C PHE A 94 -23.00 14.43 15.37
N TYR A 95 -22.83 15.63 14.84
CA TYR A 95 -21.75 16.51 15.28
C TYR A 95 -22.29 17.68 16.09
N CYS A 96 -21.55 18.10 17.11
CA CYS A 96 -21.95 19.31 17.80
C CYS A 96 -20.91 20.27 17.29
N ALA A 97 -21.27 21.55 17.18
CA ALA A 97 -20.36 22.54 16.65
C ALA A 97 -20.78 23.88 17.20
N SER A 98 -19.85 24.81 17.27
CA SER A 98 -20.16 26.12 17.81
C SER A 98 -19.16 27.16 17.36
N PRO A 99 -19.55 28.44 17.43
CA PRO A 99 -18.68 29.55 17.06
C PRO A 99 -17.67 29.53 18.21
N TYR A 100 -16.48 30.09 18.02
CA TYR A 100 -15.52 30.08 19.12
C TYR A 100 -16.11 30.94 20.25
N PRO A 101 -15.95 30.52 21.51
CA PRO A 101 -16.49 31.30 22.62
C PRO A 101 -15.85 32.67 22.77
N ASN A 102 -16.63 33.73 22.56
CA ASN A 102 -16.12 35.08 22.73
C ASN A 102 -15.84 35.24 24.22
N ASP A 103 -15.07 36.27 24.58
CA ASP A 103 -14.77 36.49 25.99
C ASP A 103 -15.13 37.91 26.39
N TYS A 104 -16.04 38.04 27.35
CA TYS A 104 -16.49 39.35 27.83
CB TYS A 104 -18.02 39.39 27.86
CG TYS A 104 -18.67 39.01 26.54
CD1 TYS A 104 -18.33 39.67 25.36
CD2 TYS A 104 -19.62 37.99 26.47
CE1 TYS A 104 -18.91 39.32 24.14
CE2 TYS A 104 -20.21 37.63 25.27
CZ TYS A 104 -19.85 38.30 24.11
OH TYS A 104 -20.38 37.91 22.88
S TYS A 104 -21.73 37.37 22.61
O1 TYS A 104 -21.74 35.91 22.81
O2 TYS A 104 -22.72 38.00 23.52
O3 TYS A 104 -22.11 37.69 21.22
C TYS A 104 -15.96 39.68 29.23
O TYS A 104 -15.29 38.86 29.87
N GLY A 112 -19.75 40.19 17.47
CA GLY A 112 -20.88 39.50 18.06
C GLY A 112 -20.86 38.00 17.81
N MET A 113 -21.91 37.32 18.26
CA MET A 113 -22.04 35.87 18.12
C MET A 113 -22.69 35.46 16.79
N SER A 114 -21.88 35.08 15.81
CA SER A 114 -22.37 34.64 14.50
C SER A 114 -22.49 33.12 14.50
N TRP A 115 -23.49 32.58 13.79
CA TRP A 115 -23.67 31.15 13.80
C TRP A 115 -23.02 30.30 12.71
N TYR A 116 -21.70 30.39 12.59
CA TYR A 116 -20.93 29.56 11.68
C TYR A 116 -20.14 28.73 12.71
N PHE A 117 -19.52 27.64 12.31
CA PHE A 117 -18.89 26.79 13.32
C PHE A 117 -17.38 26.63 13.38
N ASP A 118 -16.76 27.43 14.25
CA ASP A 118 -15.32 27.40 14.49
C ASP A 118 -14.90 26.02 15.00
N LEU A 119 -15.60 25.58 16.04
CA LEU A 119 -15.35 24.32 16.72
C LEU A 119 -16.31 23.21 16.33
N TRP A 120 -15.76 21.99 16.24
CA TRP A 120 -16.53 20.81 15.91
C TRP A 120 -16.16 19.65 16.81
N GLY A 121 -17.16 18.88 17.24
CA GLY A 121 -16.90 17.69 18.03
C GLY A 121 -16.46 16.67 17.00
N ARG A 122 -15.89 15.55 17.42
CA ARG A 122 -15.43 14.58 16.43
C ARG A 122 -16.57 13.75 15.85
N GLY A 123 -17.78 13.96 16.35
CA GLY A 123 -18.91 13.22 15.85
C GLY A 123 -19.26 12.01 16.68
N THR A 124 -20.55 11.67 16.69
CA THR A 124 -21.07 10.54 17.44
C THR A 124 -21.95 9.79 16.47
N LEU A 125 -21.59 8.53 16.21
CA LEU A 125 -22.35 7.71 15.30
C LEU A 125 -23.47 7.02 16.06
N VAL A 126 -24.68 7.12 15.50
CA VAL A 126 -25.84 6.49 16.08
C VAL A 126 -26.37 5.58 15.01
N THR A 127 -26.37 4.28 15.30
CA THR A 127 -26.85 3.30 14.33
C THR A 127 -28.18 2.73 14.82
N VAL A 128 -29.19 2.84 13.97
CA VAL A 128 -30.51 2.34 14.28
C VAL A 128 -30.73 1.00 13.60
N SER A 129 -30.84 -0.05 14.39
CA SER A 129 -31.06 -1.40 13.86
C SER A 129 -31.81 -2.32 14.82
N PRO A 130 -32.72 -3.14 14.29
CA PRO A 130 -33.52 -4.08 15.08
C PRO A 130 -32.65 -5.24 15.55
N ALA A 131 -31.45 -5.36 14.98
CA ALA A 131 -30.53 -6.45 15.30
C ALA A 131 -29.71 -6.24 16.58
N SER A 132 -29.11 -7.33 17.04
CA SER A 132 -28.26 -7.31 18.23
C SER A 132 -26.89 -7.83 17.79
N THR A 133 -25.91 -7.85 18.70
CA THR A 133 -24.58 -8.32 18.34
C THR A 133 -24.64 -9.70 17.66
N LYS A 134 -23.80 -9.90 16.66
CA LYS A 134 -23.78 -11.15 15.93
C LYS A 134 -22.54 -11.26 15.03
N GLY A 135 -21.86 -12.40 15.11
CA GLY A 135 -20.68 -12.62 14.30
C GLY A 135 -21.08 -12.86 12.86
N PRO A 136 -20.18 -12.60 11.90
CA PRO A 136 -20.51 -12.80 10.50
C PRO A 136 -20.31 -14.22 9.98
N SER A 137 -20.94 -14.50 8.85
CA SER A 137 -20.75 -15.77 8.17
C SER A 137 -19.82 -15.34 7.05
N VAL A 138 -18.85 -16.17 6.71
CA VAL A 138 -17.91 -15.80 5.65
C VAL A 138 -17.97 -16.78 4.51
N PHE A 139 -18.36 -16.27 3.34
CA PHE A 139 -18.50 -17.10 2.15
C PHE A 139 -17.47 -16.74 1.10
N PRO A 140 -16.97 -17.74 0.38
CA PRO A 140 -15.97 -17.42 -0.65
C PRO A 140 -16.55 -16.83 -1.93
N LEU A 141 -15.78 -15.95 -2.55
CA LEU A 141 -16.11 -15.36 -3.84
C LEU A 141 -15.02 -16.03 -4.68
N ALA A 142 -15.36 -17.19 -5.22
CA ALA A 142 -14.40 -18.01 -5.98
C ALA A 142 -14.09 -17.61 -7.40
N PRO A 143 -12.81 -17.74 -7.79
CA PRO A 143 -12.34 -17.41 -9.14
C PRO A 143 -12.82 -18.49 -10.10
N SER A 144 -13.02 -18.11 -11.36
CA SER A 144 -13.47 -19.07 -12.37
C SER A 144 -13.31 -18.44 -13.75
N SER A 145 -13.99 -19.00 -14.74
CA SER A 145 -13.92 -18.48 -16.09
C SER A 145 -14.36 -17.00 -16.14
N LYS A 146 -15.56 -16.73 -15.66
CA LYS A 146 -16.08 -15.36 -15.66
C LYS A 146 -15.44 -14.51 -14.56
N SER A 147 -14.35 -15.02 -13.99
CA SER A 147 -13.63 -14.31 -12.94
C SER A 147 -12.13 -14.26 -13.27
N THR A 148 -11.82 -14.44 -14.56
CA THR A 148 -10.43 -14.43 -15.01
C THR A 148 -10.25 -13.55 -16.25
N SER A 149 -10.06 -12.25 -16.02
CA SER A 149 -9.85 -11.30 -17.10
C SER A 149 -8.42 -11.40 -17.61
N GLY A 150 -8.23 -12.06 -18.74
CA GLY A 150 -6.90 -12.22 -19.28
C GLY A 150 -6.06 -13.07 -18.36
N GLY A 151 -4.91 -12.55 -17.94
CA GLY A 151 -4.05 -13.30 -17.05
C GLY A 151 -4.29 -12.98 -15.59
N THR A 152 -5.27 -12.11 -15.32
CA THR A 152 -5.59 -11.74 -13.94
C THR A 152 -6.89 -12.38 -13.49
N ALA A 153 -6.92 -12.83 -12.24
CA ALA A 153 -8.12 -13.45 -11.68
C ALA A 153 -8.52 -12.65 -10.45
N ALA A 154 -9.80 -12.66 -10.12
CA ALA A 154 -10.29 -11.95 -8.95
C ALA A 154 -10.95 -12.97 -8.05
N LEU A 155 -10.75 -12.82 -6.75
CA LEU A 155 -11.33 -13.71 -5.78
C LEU A 155 -11.58 -12.87 -4.54
N GLY A 156 -12.34 -13.42 -3.59
CA GLY A 156 -12.61 -12.66 -2.39
C GLY A 156 -13.42 -13.38 -1.34
N CYS A 157 -13.90 -12.59 -0.38
CA CYS A 157 -14.71 -13.08 0.72
C CYS A 157 -15.89 -12.17 0.98
N LEU A 158 -17.06 -12.78 1.12
CA LEU A 158 -18.29 -12.07 1.42
C LEU A 158 -18.49 -12.23 2.93
N VAL A 159 -18.35 -11.14 3.66
CA VAL A 159 -18.50 -11.13 5.12
C VAL A 159 -19.91 -10.65 5.36
N LYS A 160 -20.82 -11.62 5.50
CA LYS A 160 -22.25 -11.32 5.63
C LYS A 160 -22.92 -11.48 6.99
N ASP A 161 -23.93 -10.63 7.18
CA ASP A 161 -24.77 -10.59 8.37
C ASP A 161 -24.13 -10.50 9.74
N TYR A 162 -23.38 -9.44 9.98
CA TYR A 162 -22.73 -9.24 11.26
C TYR A 162 -23.22 -7.93 11.88
N PHE A 163 -23.02 -7.78 13.18
CA PHE A 163 -23.43 -6.56 13.88
C PHE A 163 -22.75 -6.46 15.24
N PRO A 164 -22.25 -5.27 15.58
CA PRO A 164 -22.31 -4.07 14.75
C PRO A 164 -20.96 -3.95 14.05
N GLU A 165 -20.61 -2.73 13.66
CA GLU A 165 -19.32 -2.46 13.04
C GLU A 165 -18.33 -2.40 14.19
N PRO A 166 -17.04 -2.60 13.91
CA PRO A 166 -16.47 -2.85 12.58
C PRO A 166 -15.93 -4.27 12.50
N VAL A 167 -15.52 -4.66 11.30
CA VAL A 167 -14.93 -5.97 11.08
C VAL A 167 -13.67 -5.73 10.28
N THR A 168 -12.59 -6.44 10.61
CA THR A 168 -11.36 -6.28 9.86
C THR A 168 -11.14 -7.50 8.98
N VAL A 169 -10.46 -7.30 7.86
CA VAL A 169 -10.20 -8.38 6.92
C VAL A 169 -8.76 -8.29 6.45
N SER A 170 -8.06 -9.41 6.42
CA SER A 170 -6.70 -9.44 5.92
C SER A 170 -6.62 -10.65 5.01
N TRP A 171 -5.58 -10.71 4.21
CA TRP A 171 -5.38 -11.83 3.30
C TRP A 171 -4.06 -12.52 3.61
N ASN A 172 -4.13 -13.84 3.76
CA ASN A 172 -2.96 -14.63 4.09
C ASN A 172 -2.23 -14.02 5.29
N SER A 173 -3.02 -13.74 6.33
CA SER A 173 -2.50 -13.17 7.57
C SER A 173 -1.64 -11.94 7.34
N GLY A 174 -2.05 -11.06 6.43
CA GLY A 174 -1.30 -9.86 6.17
C GLY A 174 -0.17 -9.97 5.17
N ALA A 175 0.07 -11.17 4.65
CA ALA A 175 1.13 -11.38 3.67
C ALA A 175 0.69 -11.02 2.24
N LEU A 176 -0.57 -10.64 2.07
CA LEU A 176 -1.11 -10.24 0.76
C LEU A 176 -1.88 -8.94 0.96
N THR A 177 -1.35 -7.86 0.40
CA THR A 177 -1.99 -6.56 0.53
C THR A 177 -2.14 -5.88 -0.82
N SER A 178 -1.31 -6.29 -1.77
CA SER A 178 -1.32 -5.73 -3.11
C SER A 178 -2.56 -6.13 -3.90
N GLY A 179 -3.27 -5.14 -4.45
CA GLY A 179 -4.45 -5.43 -5.25
C GLY A 179 -5.69 -5.80 -4.46
N VAL A 180 -5.65 -5.58 -3.15
CA VAL A 180 -6.75 -5.88 -2.27
C VAL A 180 -7.70 -4.70 -2.15
N HIS A 181 -8.99 -4.98 -2.22
CA HIS A 181 -10.00 -3.93 -2.05
C HIS A 181 -11.02 -4.46 -1.05
N THR A 182 -11.15 -3.77 0.07
CA THR A 182 -12.13 -4.16 1.08
C THR A 182 -13.14 -3.02 1.05
N PHE A 183 -14.35 -3.32 0.60
CA PHE A 183 -15.37 -2.31 0.47
C PHE A 183 -16.05 -1.88 1.75
N PRO A 184 -16.64 -0.67 1.73
CA PRO A 184 -17.35 -0.13 2.89
C PRO A 184 -18.54 -1.05 3.16
N ALA A 185 -18.85 -1.28 4.43
CA ALA A 185 -19.98 -2.13 4.78
C ALA A 185 -21.28 -1.47 4.38
N VAL A 186 -22.29 -2.28 4.11
CA VAL A 186 -23.60 -1.76 3.75
C VAL A 186 -24.58 -2.36 4.75
N LEU A 187 -25.45 -1.52 5.30
CA LEU A 187 -26.45 -1.97 6.25
C LEU A 187 -27.59 -2.54 5.41
N GLN A 188 -27.87 -3.83 5.58
CA GLN A 188 -28.92 -4.49 4.81
C GLN A 188 -30.31 -4.25 5.39
N SER A 189 -31.32 -4.59 4.60
CA SER A 189 -32.71 -4.42 5.01
C SER A 189 -32.97 -5.08 6.37
N SER A 190 -32.16 -6.07 6.69
CA SER A 190 -32.28 -6.81 7.94
C SER A 190 -31.66 -6.12 9.16
N GLY A 191 -30.96 -5.02 8.93
CA GLY A 191 -30.33 -4.32 10.04
C GLY A 191 -28.95 -4.89 10.37
N LEU A 192 -28.50 -5.83 9.56
CA LEU A 192 -27.20 -6.47 9.71
C LEU A 192 -26.28 -5.96 8.58
N TYR A 193 -24.99 -5.78 8.90
CA TYR A 193 -24.02 -5.31 7.93
C TYR A 193 -23.47 -6.44 7.05
N SER A 194 -22.99 -6.06 5.88
CA SER A 194 -22.38 -6.99 4.95
C SER A 194 -21.30 -6.24 4.18
N LEU A 195 -20.22 -6.93 3.84
CA LEU A 195 -19.16 -6.31 3.07
C LEU A 195 -18.34 -7.39 2.38
N SER A 196 -17.63 -6.99 1.33
CA SER A 196 -16.81 -7.94 0.62
C SER A 196 -15.39 -7.41 0.55
N SER A 197 -14.45 -8.32 0.44
CA SER A 197 -13.05 -7.97 0.31
C SER A 197 -12.57 -8.81 -0.85
N VAL A 198 -12.02 -8.15 -1.85
CA VAL A 198 -11.55 -8.87 -3.02
C VAL A 198 -10.08 -8.57 -3.27
N VAL A 199 -9.48 -9.38 -4.12
CA VAL A 199 -8.09 -9.22 -4.48
C VAL A 199 -7.92 -9.81 -5.87
N THR A 200 -7.10 -9.14 -6.68
CA THR A 200 -6.81 -9.62 -8.03
C THR A 200 -5.41 -10.21 -7.99
N VAL A 201 -5.26 -11.41 -8.54
CA VAL A 201 -3.99 -12.11 -8.55
C VAL A 201 -3.79 -12.75 -9.92
N PRO A 202 -2.57 -13.25 -10.20
CA PRO A 202 -2.33 -13.89 -11.50
C PRO A 202 -3.16 -15.16 -11.59
N SER A 203 -3.88 -15.34 -12.69
CA SER A 203 -4.69 -16.55 -12.82
C SER A 203 -3.81 -17.80 -12.84
N SER A 204 -2.52 -17.60 -13.10
CA SER A 204 -1.57 -18.72 -13.15
C SER A 204 -1.19 -19.21 -11.75
N SER A 205 -1.59 -18.46 -10.73
CA SER A 205 -1.27 -18.81 -9.34
C SER A 205 -2.38 -19.55 -8.57
N LEU A 206 -3.55 -19.69 -9.18
CA LEU A 206 -4.67 -20.34 -8.52
C LEU A 206 -4.45 -21.81 -8.16
N GLY A 207 -3.59 -22.49 -8.90
CA GLY A 207 -3.34 -23.89 -8.62
C GLY A 207 -2.10 -24.15 -7.76
N THR A 208 -1.39 -23.08 -7.42
CA THR A 208 -0.18 -23.23 -6.62
C THR A 208 -0.13 -22.36 -5.38
N GLN A 209 -0.96 -21.32 -5.35
CA GLN A 209 -0.98 -20.40 -4.21
C GLN A 209 -2.27 -20.50 -3.41
N THR A 210 -2.16 -20.50 -2.09
CA THR A 210 -3.33 -20.59 -1.21
C THR A 210 -3.81 -19.19 -0.86
N TYR A 211 -5.11 -18.95 -0.99
CA TYR A 211 -5.68 -17.65 -0.66
C TYR A 211 -6.68 -17.78 0.49
N ILE A 212 -6.37 -17.10 1.58
CA ILE A 212 -7.19 -17.14 2.77
C ILE A 212 -7.49 -15.73 3.27
N CYS A 213 -8.76 -15.48 3.61
CA CYS A 213 -9.10 -14.17 4.16
C CYS A 213 -9.33 -14.39 5.64
N ASN A 214 -8.76 -13.49 6.44
CA ASN A 214 -8.87 -13.55 7.89
C ASN A 214 -9.83 -12.46 8.32
N VAL A 215 -10.95 -12.86 8.90
CA VAL A 215 -11.96 -11.91 9.33
C VAL A 215 -12.05 -11.87 10.85
N ASN A 216 -12.04 -10.66 11.39
CA ASN A 216 -12.14 -10.47 12.84
C ASN A 216 -13.27 -9.51 13.18
N HIS A 217 -14.15 -9.95 14.07
CA HIS A 217 -15.28 -9.15 14.51
C HIS A 217 -15.19 -9.12 16.04
N LYS A 218 -14.48 -8.13 16.58
CA LYS A 218 -14.31 -7.98 18.02
C LYS A 218 -15.61 -7.93 18.81
N PRO A 219 -16.60 -7.15 18.33
CA PRO A 219 -17.87 -7.04 19.04
C PRO A 219 -18.44 -8.39 19.48
N SER A 220 -18.25 -9.41 18.67
CA SER A 220 -18.75 -10.75 19.00
C SER A 220 -17.61 -11.74 19.20
N ASN A 221 -16.40 -11.23 19.36
CA ASN A 221 -15.22 -12.09 19.54
C ASN A 221 -15.20 -13.25 18.56
N THR A 222 -15.45 -12.94 17.30
CA THR A 222 -15.46 -13.94 16.23
C THR A 222 -14.22 -13.79 15.36
N LYS A 223 -13.63 -14.91 14.99
CA LYS A 223 -12.46 -14.92 14.14
C LYS A 223 -12.69 -16.04 13.13
N VAL A 224 -12.51 -15.74 11.84
CA VAL A 224 -12.73 -16.74 10.82
C VAL A 224 -11.68 -16.66 9.74
N ASP A 225 -11.20 -17.82 9.31
CA ASP A 225 -10.22 -17.92 8.25
C ASP A 225 -10.83 -18.77 7.15
N LYS A 226 -11.12 -18.15 6.02
CA LYS A 226 -11.74 -18.86 4.92
C LYS A 226 -10.80 -19.00 3.73
N LYS A 227 -10.50 -20.23 3.36
CA LYS A 227 -9.64 -20.46 2.20
C LYS A 227 -10.54 -20.34 0.98
N VAL A 228 -10.13 -19.52 0.01
CA VAL A 228 -10.91 -19.32 -1.20
C VAL A 228 -10.25 -20.03 -2.37
N GLU A 229 -10.96 -20.99 -2.94
CA GLU A 229 -10.44 -21.77 -4.06
C GLU A 229 -11.43 -21.77 -5.21
N PRO A 230 -10.94 -21.98 -6.44
CA PRO A 230 -11.84 -22.00 -7.59
C PRO A 230 -12.86 -23.13 -7.39
N LYS A 231 -14.06 -22.94 -7.91
CA LYS A 231 -15.12 -23.93 -7.75
C LYS A 231 -14.82 -25.21 -8.53
N ASP B 1 -37.24 28.88 3.89
CA ASP B 1 -35.81 28.80 4.29
C ASP B 1 -34.91 29.27 3.16
N ILE B 2 -33.63 29.45 3.44
CA ILE B 2 -32.68 29.87 2.43
C ILE B 2 -32.05 28.63 1.83
N GLN B 3 -32.25 28.45 0.52
CA GLN B 3 -31.72 27.30 -0.19
C GLN B 3 -30.34 27.62 -0.75
N MET B 4 -29.36 26.81 -0.40
CA MET B 4 -27.99 27.01 -0.87
C MET B 4 -27.69 26.02 -1.99
N THR B 5 -27.20 26.53 -3.11
CA THR B 5 -26.87 25.68 -4.25
C THR B 5 -25.36 25.74 -4.57
N GLN B 6 -24.71 24.58 -4.52
CA GLN B 6 -23.28 24.48 -4.81
C GLN B 6 -23.04 23.82 -6.15
N SER B 7 -21.99 24.24 -6.83
CA SER B 7 -21.65 23.67 -8.12
C SER B 7 -20.16 23.90 -8.35
N PRO B 8 -19.47 22.95 -9.01
CA PRO B 8 -20.03 21.69 -9.53
C PRO B 8 -20.15 20.69 -8.38
N SER B 9 -20.90 19.63 -8.62
CA SER B 9 -21.10 18.59 -7.61
C SER B 9 -19.76 17.87 -7.42
N THR B 10 -19.03 17.68 -8.51
CA THR B 10 -17.74 17.01 -8.46
C THR B 10 -16.75 17.79 -9.31
N LEU B 11 -15.55 17.97 -8.80
CA LEU B 11 -14.53 18.70 -9.54
C LEU B 11 -13.28 17.82 -9.58
N SER B 12 -12.71 17.65 -10.77
CA SER B 12 -11.51 16.84 -10.95
C SER B 12 -10.34 17.76 -11.29
N ALA B 13 -9.27 17.66 -10.53
CA ALA B 13 -8.12 18.52 -10.78
C ALA B 13 -6.81 17.84 -10.42
N SER B 14 -5.72 18.56 -10.63
CA SER B 14 -4.38 18.05 -10.35
C SER B 14 -3.64 19.01 -9.43
N VAL B 15 -2.67 18.47 -8.70
CA VAL B 15 -1.85 19.29 -7.82
C VAL B 15 -1.35 20.45 -8.67
N GLY B 16 -1.28 21.64 -8.08
CA GLY B 16 -0.81 22.80 -8.82
C GLY B 16 -1.91 23.59 -9.53
N ASP B 17 -3.05 22.97 -9.79
CA ASP B 17 -4.14 23.67 -10.47
C ASP B 17 -4.82 24.73 -9.61
N ARG B 18 -5.43 25.69 -10.26
CA ARG B 18 -6.16 26.75 -9.58
C ARG B 18 -7.60 26.35 -9.80
N VAL B 19 -8.36 26.16 -8.73
CA VAL B 19 -9.75 25.75 -8.85
C VAL B 19 -10.72 26.67 -8.12
N THR B 20 -11.96 26.72 -8.61
CA THR B 20 -12.99 27.56 -8.03
C THR B 20 -14.31 26.79 -7.86
N ILE B 21 -14.95 27.00 -6.72
CA ILE B 21 -16.23 26.36 -6.42
C ILE B 21 -17.25 27.48 -6.17
N THR B 22 -18.49 27.28 -6.60
CA THR B 22 -19.50 28.30 -6.39
C THR B 22 -20.62 27.83 -5.48
N CYS B 23 -21.30 28.80 -4.90
CA CYS B 23 -22.41 28.55 -3.99
C CYS B 23 -23.37 29.73 -4.18
N ARG B 24 -24.65 29.42 -4.41
CA ARG B 24 -25.65 30.47 -4.61
C ARG B 24 -26.76 30.37 -3.57
N ALA B 25 -27.24 31.51 -3.11
CA ALA B 25 -28.32 31.55 -2.11
C ALA B 25 -29.61 31.93 -2.82
N SER B 26 -30.72 31.33 -2.40
CA SER B 26 -32.01 31.61 -3.01
C SER B 26 -32.43 33.06 -2.73
N GLN B 27 -31.86 33.67 -1.70
CA GLN B 27 -32.15 35.04 -1.36
C GLN B 27 -30.87 35.63 -0.77
N SER B 28 -30.78 36.96 -0.74
CA SER B 28 -29.59 37.63 -0.24
C SER B 28 -29.27 37.29 1.20
N ILE B 29 -27.98 37.07 1.47
CA ILE B 29 -27.53 36.76 2.82
C ILE B 29 -26.32 37.63 3.17
N SER B 30 -26.20 38.76 2.48
CA SER B 30 -25.10 39.68 2.70
C SER B 30 -23.77 38.95 2.50
N ASN B 31 -22.88 39.07 3.47
CA ASN B 31 -21.58 38.41 3.41
C ASN B 31 -21.56 37.21 4.35
N TRP B 32 -22.75 36.81 4.83
CA TRP B 32 -22.87 35.73 5.81
C TRP B 32 -22.77 34.30 5.28
N LEU B 33 -21.63 33.95 4.68
CA LEU B 33 -21.43 32.62 4.15
C LEU B 33 -20.14 32.03 4.69
N ALA B 34 -20.17 30.75 5.08
CA ALA B 34 -18.97 30.07 5.58
C ALA B 34 -18.67 28.87 4.69
N TRP B 35 -17.41 28.44 4.68
CA TRP B 35 -17.00 27.29 3.88
C TRP B 35 -16.33 26.27 4.80
N TYR B 36 -16.58 25.00 4.57
CA TYR B 36 -15.98 23.95 5.39
C TYR B 36 -15.36 22.92 4.47
N GLN B 37 -14.34 22.24 4.97
CA GLN B 37 -13.67 21.19 4.23
C GLN B 37 -13.96 19.94 5.04
N GLN B 38 -14.15 18.81 4.38
CA GLN B 38 -14.39 17.57 5.11
C GLN B 38 -13.78 16.38 4.40
N LYS B 39 -13.00 15.60 5.14
CA LYS B 39 -12.38 14.42 4.58
C LYS B 39 -13.14 13.21 5.12
N PRO B 40 -13.12 12.09 4.36
CA PRO B 40 -13.80 10.85 4.74
C PRO B 40 -13.62 10.46 6.19
N GLY B 41 -14.74 10.17 6.84
CA GLY B 41 -14.73 9.75 8.24
C GLY B 41 -14.29 10.79 9.24
N ARG B 42 -14.09 12.03 8.81
CA ARG B 42 -13.67 13.07 9.73
C ARG B 42 -14.68 14.20 9.80
N ALA B 43 -14.59 14.98 10.88
CA ALA B 43 -15.49 16.09 11.09
C ALA B 43 -15.10 17.24 10.17
N PRO B 44 -16.06 18.08 9.80
CA PRO B 44 -15.80 19.24 8.93
C PRO B 44 -14.83 20.18 9.63
N LYS B 45 -14.14 21.00 8.84
CA LYS B 45 -13.20 21.97 9.36
C LYS B 45 -13.57 23.33 8.75
N LEU B 46 -13.61 24.37 9.58
CA LEU B 46 -13.93 25.70 9.08
C LEU B 46 -12.74 26.26 8.33
N LEU B 47 -12.99 26.81 7.14
CA LEU B 47 -11.95 27.40 6.33
C LEU B 47 -12.15 28.90 6.14
N MET B 48 -13.41 29.29 5.97
CA MET B 48 -13.76 30.66 5.66
C MET B 48 -15.11 31.05 6.27
N TYR B 49 -15.24 32.29 6.71
CA TYR B 49 -16.51 32.75 7.27
C TYR B 49 -16.70 34.19 6.81
N LYS B 50 -17.92 34.71 6.95
CA LYS B 50 -18.23 36.06 6.51
C LYS B 50 -17.83 36.24 5.05
N ALA B 51 -17.95 35.16 4.29
CA ALA B 51 -17.64 35.14 2.87
C ALA B 51 -16.16 35.10 2.49
N SER B 52 -15.37 36.00 3.07
CA SER B 52 -13.95 36.05 2.70
C SER B 52 -12.94 36.08 3.84
N SER B 53 -13.39 35.88 5.06
CA SER B 53 -12.48 35.89 6.20
C SER B 53 -11.87 34.51 6.37
N LEU B 54 -10.57 34.40 6.12
CA LEU B 54 -9.86 33.13 6.24
C LEU B 54 -9.66 32.75 7.71
N LYS B 55 -10.00 31.51 8.03
CA LYS B 55 -9.86 31.00 9.39
C LYS B 55 -8.38 30.85 9.74
N SER B 56 -8.00 31.36 10.91
CA SER B 56 -6.61 31.28 11.35
C SER B 56 -6.11 29.85 11.24
N GLY B 57 -4.97 29.67 10.61
CA GLY B 57 -4.41 28.34 10.46
C GLY B 57 -4.63 27.76 9.07
N VAL B 58 -5.59 28.32 8.34
CA VAL B 58 -5.88 27.85 6.99
C VAL B 58 -4.92 28.49 6.01
N PRO B 59 -4.34 27.70 5.09
CA PRO B 59 -3.38 28.15 4.07
C PRO B 59 -3.88 29.34 3.24
N SER B 60 -2.96 30.22 2.90
CA SER B 60 -3.24 31.41 2.10
C SER B 60 -3.84 31.08 0.74
N ARG B 61 -3.51 29.91 0.20
CA ARG B 61 -4.03 29.52 -1.11
C ARG B 61 -5.55 29.47 -1.15
N PHE B 62 -6.17 29.48 0.03
CA PHE B 62 -7.63 29.48 0.13
C PHE B 62 -8.10 30.93 0.23
N SER B 63 -9.06 31.31 -0.61
CA SER B 63 -9.60 32.66 -0.55
C SER B 63 -11.07 32.59 -0.92
N GLY B 64 -11.89 33.41 -0.26
CA GLY B 64 -13.30 33.42 -0.55
C GLY B 64 -13.77 34.76 -1.05
N SER B 65 -14.83 34.75 -1.85
CA SER B 65 -15.37 35.99 -2.39
C SER B 65 -16.89 35.92 -2.53
N GLY B 66 -17.53 37.08 -2.51
CA GLY B 66 -18.96 37.12 -2.68
C GLY B 66 -19.75 37.91 -1.65
N SER B 67 -21.01 38.18 -2.00
CA SER B 67 -21.93 38.89 -1.14
C SER B 67 -23.29 38.85 -1.82
N GLY B 68 -24.34 38.88 -1.02
CA GLY B 68 -25.67 38.82 -1.59
C GLY B 68 -26.14 37.39 -1.83
N THR B 69 -26.07 36.94 -3.07
CA THR B 69 -26.52 35.60 -3.43
C THR B 69 -25.45 34.77 -4.15
N GLU B 70 -24.33 35.38 -4.51
CA GLU B 70 -23.28 34.66 -5.23
C GLU B 70 -21.96 34.67 -4.50
N PHE B 71 -21.42 33.47 -4.27
CA PHE B 71 -20.16 33.33 -3.55
C PHE B 71 -19.27 32.29 -4.18
N THR B 72 -17.97 32.43 -3.97
CA THR B 72 -17.01 31.48 -4.52
C THR B 72 -15.87 31.22 -3.55
N LEU B 73 -15.32 30.01 -3.62
CA LEU B 73 -14.18 29.59 -2.82
C LEU B 73 -13.13 29.24 -3.86
N THR B 74 -11.94 29.82 -3.74
CA THR B 74 -10.87 29.55 -4.70
C THR B 74 -9.62 28.97 -4.07
N ILE B 75 -9.02 28.01 -4.74
CA ILE B 75 -7.76 27.42 -4.28
C ILE B 75 -6.77 27.72 -5.42
N SER B 76 -5.86 28.65 -5.18
CA SER B 76 -4.90 29.09 -6.19
C SER B 76 -3.90 28.07 -6.71
N SER B 77 -3.48 27.14 -5.86
CA SER B 77 -2.54 26.11 -6.28
C SER B 77 -2.78 24.86 -5.44
N LEU B 78 -3.72 24.05 -5.92
CA LEU B 78 -4.14 22.82 -5.28
C LEU B 78 -2.99 21.92 -4.83
N GLN B 79 -3.05 21.47 -3.57
CA GLN B 79 -2.05 20.57 -3.01
C GLN B 79 -2.79 19.28 -2.64
N SER B 80 -2.07 18.17 -2.51
CA SER B 80 -2.70 16.89 -2.20
C SER B 80 -3.63 16.90 -0.98
N ASP B 81 -3.32 17.72 0.02
CA ASP B 81 -4.14 17.81 1.22
C ASP B 81 -5.52 18.44 0.94
N ASP B 82 -5.65 19.06 -0.23
CA ASP B 82 -6.89 19.74 -0.56
C ASP B 82 -7.97 18.86 -1.17
N PHE B 83 -7.62 17.64 -1.56
CA PHE B 83 -8.61 16.74 -2.12
C PHE B 83 -9.53 16.29 -1.00
N ALA B 84 -10.79 16.70 -1.10
CA ALA B 84 -11.78 16.39 -0.09
C ALA B 84 -13.12 16.95 -0.56
N THR B 85 -14.09 17.00 0.33
CA THR B 85 -15.38 17.55 -0.02
C THR B 85 -15.52 18.89 0.70
N TYR B 86 -16.05 19.87 -0.01
CA TYR B 86 -16.26 21.22 0.53
C TYR B 86 -17.75 21.56 0.60
N TYR B 87 -18.15 22.23 1.67
CA TYR B 87 -19.56 22.63 1.87
C TYR B 87 -19.66 24.11 2.18
N CYS B 88 -20.71 24.74 1.69
CA CYS B 88 -20.92 26.15 2.03
C CYS B 88 -22.11 26.13 2.95
N GLN B 89 -22.24 27.16 3.76
CA GLN B 89 -23.34 27.27 4.72
C GLN B 89 -23.63 28.74 4.93
N GLN B 90 -24.91 29.12 4.89
CA GLN B 90 -25.27 30.51 5.15
C GLN B 90 -25.43 30.61 6.66
N HIS B 91 -24.92 31.69 7.24
CA HIS B 91 -25.04 31.90 8.67
C HIS B 91 -25.72 33.26 8.90
N ASP B 92 -26.68 33.53 8.02
CA ASP B 92 -27.49 34.75 8.05
C ASP B 92 -28.64 34.57 9.05
N SER B 93 -29.32 33.43 8.98
CA SER B 93 -30.45 33.18 9.85
C SER B 93 -30.83 31.70 9.87
N SER B 94 -31.60 31.30 10.89
CA SER B 94 -32.02 29.91 10.98
C SER B 94 -33.31 29.74 10.16
N PRO B 95 -33.57 28.53 9.67
CA PRO B 95 -32.69 27.37 9.87
C PRO B 95 -31.40 27.51 9.07
N TYR B 96 -30.27 27.17 9.70
CA TYR B 96 -29.00 27.26 9.02
C TYR B 96 -28.96 26.14 8.00
N THR B 97 -28.64 26.51 6.76
CA THR B 97 -28.63 25.56 5.66
C THR B 97 -27.29 25.45 4.95
N PHE B 98 -27.04 24.25 4.43
CA PHE B 98 -25.79 23.92 3.73
C PHE B 98 -26.04 23.64 2.26
N GLY B 99 -25.00 23.82 1.46
CA GLY B 99 -25.09 23.49 0.05
C GLY B 99 -24.89 21.98 0.07
N GLN B 100 -25.11 21.31 -1.05
CA GLN B 100 -24.96 19.86 -1.06
C GLN B 100 -23.54 19.36 -1.24
N GLY B 101 -22.58 20.28 -1.23
CA GLY B 101 -21.18 19.91 -1.32
C GLY B 101 -20.56 19.68 -2.68
N THR B 102 -19.26 19.93 -2.74
CA THR B 102 -18.48 19.74 -3.97
C THR B 102 -17.30 18.85 -3.63
N LYS B 103 -17.26 17.69 -4.28
CA LYS B 103 -16.17 16.75 -4.06
C LYS B 103 -15.04 17.10 -5.01
N LEU B 104 -13.89 17.40 -4.44
CA LEU B 104 -12.71 17.75 -5.23
C LEU B 104 -11.84 16.49 -5.29
N GLU B 105 -11.78 15.87 -6.47
CA GLU B 105 -11.00 14.65 -6.63
C GLU B 105 -9.78 14.84 -7.53
N ILE B 106 -8.98 13.79 -7.64
CA ILE B 106 -7.78 13.80 -8.45
C ILE B 106 -8.11 13.32 -9.86
N LYS B 107 -7.73 14.12 -10.84
CA LYS B 107 -7.98 13.78 -12.22
C LYS B 107 -6.93 12.83 -12.75
N ARG B 108 -7.36 11.88 -13.57
CA ARG B 108 -6.49 10.90 -14.20
C ARG B 108 -7.24 10.53 -15.47
N THR B 109 -6.63 9.70 -16.31
CA THR B 109 -7.28 9.32 -17.55
C THR B 109 -8.41 8.32 -17.35
N VAL B 110 -9.35 8.33 -18.28
CA VAL B 110 -10.50 7.44 -18.23
C VAL B 110 -10.01 5.99 -18.29
N ALA B 111 -10.51 5.15 -17.39
CA ALA B 111 -10.13 3.74 -17.36
C ALA B 111 -11.38 2.89 -17.21
N ALA B 112 -11.57 1.95 -18.13
CA ALA B 112 -12.72 1.06 -18.07
C ALA B 112 -12.54 0.11 -16.90
N PRO B 113 -13.64 -0.33 -16.29
CA PRO B 113 -13.53 -1.25 -15.17
C PRO B 113 -13.32 -2.68 -15.65
N SER B 114 -12.58 -3.49 -14.90
CA SER B 114 -12.41 -4.90 -15.23
C SER B 114 -13.55 -5.48 -14.44
N VAL B 115 -14.45 -6.21 -15.10
CA VAL B 115 -15.62 -6.77 -14.44
C VAL B 115 -15.52 -8.26 -14.16
N PHE B 116 -15.94 -8.65 -12.95
CA PHE B 116 -15.93 -10.07 -12.57
C PHE B 116 -17.26 -10.39 -11.87
N ILE B 117 -17.82 -11.58 -12.13
CA ILE B 117 -19.08 -11.98 -11.50
C ILE B 117 -18.85 -13.24 -10.66
N PHE B 118 -19.41 -13.25 -9.44
CA PHE B 118 -19.25 -14.37 -8.51
C PHE B 118 -20.56 -15.04 -8.12
N PRO B 119 -20.74 -16.32 -8.48
CA PRO B 119 -21.98 -16.99 -8.11
C PRO B 119 -22.00 -17.21 -6.60
N PRO B 120 -23.17 -17.44 -6.02
CA PRO B 120 -23.22 -17.66 -4.57
C PRO B 120 -22.59 -19.03 -4.29
N SER B 121 -21.91 -19.16 -3.16
CA SER B 121 -21.29 -20.43 -2.83
C SER B 121 -22.33 -21.45 -2.42
N ASP B 122 -22.02 -22.72 -2.61
CA ASP B 122 -22.93 -23.79 -2.23
C ASP B 122 -23.16 -23.72 -0.72
N GLU B 123 -22.12 -23.31 0.00
CA GLU B 123 -22.23 -23.18 1.46
C GLU B 123 -23.31 -22.21 1.86
N GLN B 124 -23.33 -21.03 1.25
CA GLN B 124 -24.34 -20.04 1.59
C GLN B 124 -25.75 -20.52 1.25
N LEU B 125 -25.88 -21.28 0.16
CA LEU B 125 -27.19 -21.76 -0.22
C LEU B 125 -27.85 -22.56 0.90
N LYS B 126 -27.05 -23.22 1.73
CA LYS B 126 -27.58 -24.00 2.85
C LYS B 126 -28.25 -23.12 3.88
N SER B 127 -27.97 -21.81 3.83
CA SER B 127 -28.56 -20.87 4.77
C SER B 127 -29.92 -20.38 4.30
N GLY B 128 -30.29 -20.75 3.08
CA GLY B 128 -31.57 -20.34 2.54
C GLY B 128 -31.53 -19.06 1.71
N THR B 129 -30.36 -18.43 1.66
CA THR B 129 -30.21 -17.21 0.88
C THR B 129 -29.03 -17.33 -0.07
N ALA B 130 -29.10 -16.57 -1.16
CA ALA B 130 -28.04 -16.59 -2.16
C ALA B 130 -27.61 -15.17 -2.46
N SER B 131 -26.30 -14.93 -2.52
CA SER B 131 -25.76 -13.62 -2.83
C SER B 131 -24.93 -13.74 -4.10
N VAL B 132 -25.27 -12.95 -5.12
CA VAL B 132 -24.51 -12.96 -6.36
C VAL B 132 -23.76 -11.63 -6.33
N VAL B 133 -22.45 -11.68 -6.55
CA VAL B 133 -21.63 -10.47 -6.48
C VAL B 133 -20.94 -10.08 -7.78
N CYS B 134 -21.02 -8.80 -8.11
CA CYS B 134 -20.40 -8.28 -9.32
C CYS B 134 -19.38 -7.23 -8.91
N LEU B 135 -18.14 -7.43 -9.36
CA LEU B 135 -17.04 -6.52 -9.04
C LEU B 135 -16.60 -5.67 -10.24
N LEU B 136 -16.54 -4.36 -10.04
CA LEU B 136 -16.08 -3.45 -11.09
C LEU B 136 -14.78 -2.97 -10.46
N ASN B 137 -13.65 -3.35 -11.05
CA ASN B 137 -12.38 -3.00 -10.47
C ASN B 137 -11.54 -1.96 -11.20
N ASN B 138 -10.92 -1.08 -10.41
CA ASN B 138 -10.03 -0.03 -10.89
C ASN B 138 -10.49 0.76 -12.11
N PHE B 139 -11.54 1.56 -11.95
CA PHE B 139 -12.06 2.36 -13.05
C PHE B 139 -12.05 3.85 -12.73
N TYR B 140 -12.31 4.64 -13.77
CA TYR B 140 -12.36 6.08 -13.65
C TYR B 140 -12.99 6.64 -14.91
N PRO B 141 -13.91 7.61 -14.77
CA PRO B 141 -14.41 8.19 -13.52
C PRO B 141 -15.26 7.27 -12.64
N ARG B 142 -15.65 7.79 -11.48
CA ARG B 142 -16.45 7.06 -10.49
C ARG B 142 -17.86 6.67 -10.95
N GLU B 143 -18.49 7.50 -11.77
CA GLU B 143 -19.84 7.19 -12.24
C GLU B 143 -19.89 5.90 -13.04
N ALA B 144 -20.76 4.99 -12.61
CA ALA B 144 -20.92 3.70 -13.26
C ALA B 144 -22.31 3.17 -12.98
N LYS B 145 -22.80 2.34 -13.89
CA LYS B 145 -24.12 1.75 -13.74
C LYS B 145 -24.03 0.23 -13.86
N VAL B 146 -24.56 -0.47 -12.85
CA VAL B 146 -24.57 -1.93 -12.84
C VAL B 146 -26.02 -2.39 -12.93
N GLN B 147 -26.30 -3.25 -13.90
CA GLN B 147 -27.65 -3.76 -14.11
C GLN B 147 -27.65 -5.28 -13.99
N TRP B 148 -28.45 -5.81 -13.07
CA TRP B 148 -28.53 -7.26 -12.91
C TRP B 148 -29.62 -7.85 -13.79
N LYS B 149 -29.34 -9.02 -14.38
CA LYS B 149 -30.31 -9.71 -15.23
C LYS B 149 -30.34 -11.20 -14.88
N VAL B 150 -31.54 -11.73 -14.70
CA VAL B 150 -31.73 -13.14 -14.39
C VAL B 150 -32.57 -13.73 -15.53
N ASP B 151 -31.96 -14.64 -16.30
CA ASP B 151 -32.65 -15.21 -17.45
C ASP B 151 -33.12 -14.05 -18.32
N ASN B 152 -32.16 -13.20 -18.67
CA ASN B 152 -32.37 -12.03 -19.51
C ASN B 152 -33.35 -10.99 -18.96
N ALA B 153 -33.96 -11.26 -17.81
CA ALA B 153 -34.93 -10.32 -17.23
C ALA B 153 -34.28 -9.36 -16.24
N LEU B 154 -34.45 -8.06 -16.47
CA LEU B 154 -33.89 -7.01 -15.62
C LEU B 154 -34.34 -7.07 -14.17
N GLN B 155 -33.39 -6.92 -13.26
CA GLN B 155 -33.64 -6.95 -11.83
C GLN B 155 -33.81 -5.55 -11.26
N SER B 156 -34.50 -5.45 -10.14
CA SER B 156 -34.73 -4.15 -9.52
C SER B 156 -35.09 -4.28 -8.04
N GLY B 157 -34.46 -3.45 -7.23
CA GLY B 157 -34.74 -3.45 -5.80
C GLY B 157 -34.04 -4.48 -4.95
N ASN B 158 -33.49 -5.52 -5.58
CA ASN B 158 -32.81 -6.58 -4.83
C ASN B 158 -31.28 -6.52 -4.85
N SER B 159 -30.73 -5.34 -5.09
CA SER B 159 -29.28 -5.19 -5.12
C SER B 159 -28.82 -3.95 -4.36
N GLN B 160 -27.58 -4.00 -3.85
CA GLN B 160 -26.98 -2.90 -3.12
C GLN B 160 -25.52 -2.81 -3.54
N GLU B 161 -24.99 -1.60 -3.69
CA GLU B 161 -23.59 -1.47 -4.06
C GLU B 161 -22.77 -0.63 -3.10
N SER B 162 -21.47 -0.82 -3.15
CA SER B 162 -20.54 -0.11 -2.29
C SER B 162 -19.38 0.33 -3.17
N VAL B 163 -18.80 1.50 -2.89
CA VAL B 163 -17.70 1.98 -3.69
C VAL B 163 -16.54 2.41 -2.79
N THR B 164 -15.31 2.11 -3.21
CA THR B 164 -14.14 2.50 -2.42
C THR B 164 -13.78 3.96 -2.70
N GLU B 165 -12.94 4.53 -1.84
CA GLU B 165 -12.52 5.91 -2.04
C GLU B 165 -11.42 5.85 -3.11
N GLN B 166 -11.23 6.95 -3.83
CA GLN B 166 -10.22 7.01 -4.88
C GLN B 166 -8.89 6.44 -4.39
N ASP B 167 -8.31 5.52 -5.17
CA ASP B 167 -7.06 4.87 -4.80
C ASP B 167 -5.87 5.84 -4.71
N SER B 168 -5.17 5.80 -3.58
CA SER B 168 -4.04 6.69 -3.36
C SER B 168 -2.87 6.43 -4.29
N LYS B 169 -2.88 5.28 -4.97
CA LYS B 169 -1.79 4.93 -5.88
C LYS B 169 -2.14 5.21 -7.35
N ASP B 170 -3.24 4.65 -7.83
CA ASP B 170 -3.62 4.85 -9.23
C ASP B 170 -4.82 5.77 -9.49
N SER B 171 -5.35 6.37 -8.43
CA SER B 171 -6.46 7.29 -8.55
C SER B 171 -7.74 6.72 -9.14
N THR B 172 -7.89 5.40 -9.07
CA THR B 172 -9.08 4.74 -9.60
C THR B 172 -10.06 4.42 -8.47
N TYR B 173 -11.21 3.90 -8.88
CA TYR B 173 -12.28 3.51 -7.96
C TYR B 173 -12.63 2.07 -8.24
N SER B 174 -13.21 1.38 -7.26
CA SER B 174 -13.66 0.02 -7.45
C SER B 174 -15.06 -0.03 -6.83
N LEU B 175 -15.92 -0.88 -7.37
CA LEU B 175 -17.29 -0.98 -6.88
C LEU B 175 -17.75 -2.42 -6.87
N SER B 176 -18.54 -2.76 -5.86
CA SER B 176 -19.08 -4.10 -5.74
C SER B 176 -20.59 -3.97 -5.67
N SER B 177 -21.28 -4.83 -6.39
CA SER B 177 -22.74 -4.83 -6.38
C SER B 177 -23.15 -6.22 -5.96
N THR B 178 -24.11 -6.32 -5.06
CA THR B 178 -24.56 -7.62 -4.59
C THR B 178 -26.06 -7.81 -4.76
N LEU B 179 -26.43 -8.84 -5.51
CA LEU B 179 -27.82 -9.18 -5.75
C LEU B 179 -28.17 -10.25 -4.70
N THR B 180 -29.24 -10.02 -3.95
CA THR B 180 -29.65 -11.00 -2.93
C THR B 180 -30.97 -11.64 -3.34
N LEU B 181 -31.00 -12.97 -3.35
CA LEU B 181 -32.19 -13.72 -3.71
C LEU B 181 -32.39 -14.88 -2.75
N SER B 182 -33.63 -15.34 -2.63
CA SER B 182 -33.90 -16.46 -1.77
C SER B 182 -33.30 -17.64 -2.52
N LYS B 183 -32.98 -18.71 -1.81
CA LYS B 183 -32.41 -19.89 -2.45
C LYS B 183 -33.37 -20.38 -3.53
N ALA B 184 -34.67 -20.28 -3.24
CA ALA B 184 -35.74 -20.70 -4.16
C ALA B 184 -35.68 -19.98 -5.50
N ASP B 185 -35.58 -18.65 -5.46
CA ASP B 185 -35.52 -17.86 -6.69
C ASP B 185 -34.25 -18.20 -7.45
N TYR B 186 -33.14 -18.29 -6.73
CA TYR B 186 -31.85 -18.59 -7.33
C TYR B 186 -31.90 -19.90 -8.12
N GLU B 187 -32.43 -20.94 -7.50
CA GLU B 187 -32.52 -22.26 -8.14
C GLU B 187 -33.71 -22.41 -9.06
N LYS B 188 -34.23 -21.28 -9.53
CA LYS B 188 -35.37 -21.27 -10.43
C LYS B 188 -34.96 -20.77 -11.81
N HIS B 189 -33.82 -20.07 -11.86
CA HIS B 189 -33.30 -19.50 -13.10
C HIS B 189 -31.91 -20.02 -13.44
N LYS B 190 -31.53 -19.92 -14.71
CA LYS B 190 -30.22 -20.38 -15.16
C LYS B 190 -29.15 -19.30 -15.34
N LEU B 191 -29.44 -18.29 -16.16
CA LEU B 191 -28.45 -17.24 -16.43
C LEU B 191 -28.48 -16.05 -15.50
N TYR B 192 -27.33 -15.76 -14.88
CA TYR B 192 -27.20 -14.62 -13.99
C TYR B 192 -26.17 -13.70 -14.62
N ALA B 193 -26.50 -12.42 -14.73
CA ALA B 193 -25.58 -11.50 -15.37
C ALA B 193 -25.62 -10.08 -14.83
N CYS B 194 -24.47 -9.42 -14.85
CA CYS B 194 -24.43 -8.02 -14.44
C CYS B 194 -23.88 -7.26 -15.63
N GLU B 195 -24.67 -6.31 -16.10
CA GLU B 195 -24.30 -5.47 -17.23
C GLU B 195 -23.76 -4.16 -16.69
N VAL B 196 -22.56 -3.79 -17.13
CA VAL B 196 -21.92 -2.58 -16.67
C VAL B 196 -21.82 -1.54 -17.77
N THR B 197 -22.21 -0.32 -17.43
CA THR B 197 -22.18 0.82 -18.36
C THR B 197 -21.21 1.83 -17.76
N HIS B 198 -20.25 2.29 -18.56
CA HIS B 198 -19.24 3.23 -18.06
C HIS B 198 -18.65 4.01 -19.23
N GLN B 199 -18.20 5.23 -18.96
CA GLN B 199 -17.60 6.08 -19.98
C GLN B 199 -16.48 5.40 -20.74
N GLY B 200 -15.71 4.56 -20.05
CA GLY B 200 -14.60 3.88 -20.70
C GLY B 200 -14.97 2.69 -21.58
N LEU B 201 -16.24 2.32 -21.58
CA LEU B 201 -16.72 1.19 -22.38
C LEU B 201 -17.59 1.70 -23.53
N SER B 202 -17.21 1.39 -24.77
CA SER B 202 -17.94 1.85 -25.95
C SER B 202 -19.35 1.28 -26.00
N SER B 203 -19.56 0.17 -25.31
CA SER B 203 -20.88 -0.46 -25.20
C SER B 203 -20.83 -1.23 -23.87
N PRO B 204 -21.99 -1.46 -23.24
CA PRO B 204 -22.04 -2.18 -21.97
C PRO B 204 -21.39 -3.55 -21.97
N VAL B 205 -20.62 -3.85 -20.92
CA VAL B 205 -19.98 -5.15 -20.79
C VAL B 205 -20.83 -6.02 -19.88
N THR B 206 -21.14 -7.22 -20.34
CA THR B 206 -21.94 -8.14 -19.57
C THR B 206 -21.15 -9.36 -19.16
N LYS B 207 -21.12 -9.62 -17.86
CA LYS B 207 -20.44 -10.79 -17.34
C LYS B 207 -21.55 -11.65 -16.77
N SER B 208 -21.47 -12.96 -17.00
CA SER B 208 -22.51 -13.84 -16.52
C SER B 208 -22.06 -15.29 -16.36
N PHE B 209 -22.96 -16.09 -15.82
CA PHE B 209 -22.71 -17.51 -15.62
C PHE B 209 -24.06 -18.21 -15.59
N ASN B 210 -24.06 -19.51 -15.84
CA ASN B 210 -25.28 -20.29 -15.79
C ASN B 210 -25.20 -21.09 -14.50
N ARG B 211 -26.22 -20.95 -13.65
CA ARG B 211 -26.26 -21.66 -12.38
C ARG B 211 -25.87 -23.13 -12.52
N GLY B 212 -24.94 -23.58 -11.69
CA GLY B 212 -24.48 -24.95 -11.73
C GLY B 212 -23.56 -25.17 -12.93
N GLU B 213 -23.04 -24.06 -13.45
CA GLU B 213 -22.16 -24.10 -14.61
C GLU B 213 -22.80 -24.89 -15.74
N VAL C 2 34.21 6.22 17.88
CA VAL C 2 32.79 6.61 17.63
C VAL C 2 32.16 5.74 16.55
N GLN C 3 31.03 5.11 16.89
CA GLN C 3 30.34 4.26 15.93
C GLN C 3 28.92 3.96 16.37
N LEU C 4 28.08 3.64 15.40
CA LEU C 4 26.67 3.33 15.64
C LEU C 4 26.51 1.81 15.71
N VAL C 5 25.96 1.33 16.81
CA VAL C 5 25.76 -0.10 17.01
C VAL C 5 24.27 -0.42 16.93
N GLN C 6 23.90 -1.39 16.10
CA GLN C 6 22.50 -1.76 15.92
C GLN C 6 22.09 -3.16 16.42
N SER C 7 20.80 -3.31 16.72
CA SER C 7 20.23 -4.58 17.18
C SER C 7 20.40 -5.61 16.08
N GLY C 8 20.24 -6.89 16.42
CA GLY C 8 20.40 -7.94 15.43
C GLY C 8 19.23 -8.15 14.49
N ALA C 9 19.47 -8.94 13.44
CA ALA C 9 18.45 -9.24 12.45
C ALA C 9 17.20 -9.76 13.15
N GLU C 10 16.05 -9.52 12.55
CA GLU C 10 14.79 -9.95 13.13
C GLU C 10 13.77 -10.44 12.11
N VAL C 11 13.01 -11.44 12.51
CA VAL C 11 11.96 -12.01 11.67
C VAL C 11 10.65 -11.60 12.35
N LYS C 12 9.79 -10.92 11.61
CA LYS C 12 8.52 -10.47 12.15
C LYS C 12 7.35 -11.01 11.32
N LYS C 13 6.30 -11.45 12.00
CA LYS C 13 5.13 -11.97 11.31
C LYS C 13 4.29 -10.80 10.83
N PRO C 14 3.74 -10.92 9.61
CA PRO C 14 2.90 -9.86 9.02
C PRO C 14 1.99 -9.21 10.04
N GLY C 15 1.77 -7.92 9.89
CA GLY C 15 0.90 -7.20 10.81
C GLY C 15 1.56 -6.84 12.12
N SER C 16 2.63 -7.54 12.50
CA SER C 16 3.31 -7.24 13.77
C SER C 16 4.04 -5.91 13.70
N SER C 17 4.76 -5.59 14.78
CA SER C 17 5.52 -4.35 14.87
C SER C 17 6.95 -4.62 15.30
N VAL C 18 7.90 -3.81 14.84
CA VAL C 18 9.30 -3.99 15.20
C VAL C 18 9.97 -2.67 15.61
N LYS C 19 10.84 -2.75 16.61
CA LYS C 19 11.54 -1.57 17.11
C LYS C 19 13.06 -1.76 17.05
N VAL C 20 13.70 -0.99 16.18
CA VAL C 20 15.14 -1.08 15.99
C VAL C 20 15.90 -0.09 16.88
N SER C 21 17.06 -0.51 17.36
CA SER C 21 17.86 0.35 18.22
C SER C 21 19.19 0.70 17.55
N CYS C 22 19.73 1.84 17.94
CA CYS C 22 20.99 2.35 17.42
C CYS C 22 21.65 3.07 18.58
N LYS C 23 22.76 2.50 19.08
CA LYS C 23 23.47 3.10 20.20
C LYS C 23 24.65 3.93 19.73
N ALA C 24 24.71 5.16 20.22
CA ALA C 24 25.79 6.06 19.87
C ALA C 24 26.77 6.12 21.04
N SER C 25 27.66 5.15 21.10
CA SER C 25 28.65 5.05 22.18
C SER C 25 29.33 6.37 22.54
N GLY C 26 30.47 6.64 21.91
CA GLY C 26 31.24 7.85 22.19
C GLY C 26 30.58 9.18 21.87
N GLY C 27 31.39 10.24 21.92
CA GLY C 27 30.89 11.57 21.63
C GLY C 27 29.78 11.99 22.56
N THR C 28 29.07 13.05 22.20
CA THR C 28 27.96 13.54 23.01
C THR C 28 26.67 13.37 22.20
N PHE C 29 25.74 12.61 22.77
CA PHE C 29 24.46 12.34 22.13
C PHE C 29 23.82 13.54 21.46
N SER C 30 24.07 14.72 21.99
CA SER C 30 23.49 15.95 21.43
C SER C 30 24.07 16.30 20.07
N ASN C 31 25.35 16.00 19.86
CA ASN C 31 26.02 16.30 18.59
C ASN C 31 25.58 15.41 17.44
N TYR C 32 24.97 14.28 17.76
CA TYR C 32 24.52 13.37 16.72
C TYR C 32 23.22 13.83 16.08
N ALA C 33 22.84 13.10 15.03
CA ALA C 33 21.62 13.33 14.28
C ALA C 33 21.37 11.92 13.75
N ILE C 34 20.69 11.12 14.58
CA ILE C 34 20.43 9.73 14.23
C ILE C 34 19.34 9.59 13.18
N ASN C 35 19.75 9.24 11.98
CA ASN C 35 18.82 9.06 10.88
C ASN C 35 18.61 7.59 10.57
N TRP C 36 17.46 7.27 9.98
CA TRP C 36 17.16 5.90 9.61
C TRP C 36 16.97 5.83 8.11
N VAL C 37 17.71 4.91 7.50
CA VAL C 37 17.68 4.69 6.07
C VAL C 37 17.38 3.23 5.79
N ARG C 38 16.31 2.96 5.06
CA ARG C 38 15.94 1.58 4.74
C ARG C 38 16.30 1.25 3.31
N GLN C 39 16.48 -0.03 3.05
CA GLN C 39 16.80 -0.50 1.73
C GLN C 39 16.18 -1.87 1.55
N ALA C 40 15.13 -1.93 0.74
CA ALA C 40 14.47 -3.21 0.49
C ALA C 40 15.35 -3.99 -0.47
N PRO C 41 15.24 -5.33 -0.48
CA PRO C 41 16.05 -6.15 -1.37
C PRO C 41 15.95 -5.69 -2.83
N GLY C 42 17.09 -5.33 -3.41
CA GLY C 42 17.11 -4.90 -4.80
C GLY C 42 16.65 -3.47 -5.05
N GLN C 43 16.45 -2.70 -3.99
CA GLN C 43 16.02 -1.32 -4.12
C GLN C 43 17.12 -0.36 -3.68
N GLY C 44 16.88 0.94 -3.86
CA GLY C 44 17.85 1.94 -3.47
C GLY C 44 17.68 2.35 -2.01
N LEU C 45 18.41 3.39 -1.59
CA LEU C 45 18.35 3.88 -0.22
C LEU C 45 17.17 4.83 -0.02
N GLU C 46 16.42 4.63 1.06
CA GLU C 46 15.24 5.47 1.35
C GLU C 46 15.27 6.03 2.78
N TRP C 47 15.35 7.35 2.88
CA TRP C 47 15.37 8.03 4.18
C TRP C 47 14.01 7.86 4.84
N MET C 48 14.01 7.49 6.12
CA MET C 48 12.76 7.32 6.85
C MET C 48 12.49 8.46 7.81
N GLY C 49 13.57 9.04 8.33
CA GLY C 49 13.43 10.14 9.26
C GLY C 49 14.68 10.20 10.13
N GLY C 50 14.70 11.13 11.09
CA GLY C 50 15.86 11.26 11.96
C GLY C 50 15.52 12.10 13.17
N ILE C 51 16.41 12.11 14.16
CA ILE C 51 16.15 12.87 15.37
C ILE C 51 17.42 13.45 15.97
N ILE C 52 17.27 14.61 16.61
CA ILE C 52 18.37 15.28 17.28
C ILE C 52 18.17 15.02 18.77
N PRO C 53 18.99 14.13 19.36
CA PRO C 53 18.91 13.77 20.78
C PRO C 53 18.94 14.97 21.72
N ILE C 54 18.35 14.79 22.90
CA ILE C 54 18.26 15.83 23.92
C ILE C 54 17.21 16.85 23.51
N PHE C 55 17.48 17.57 22.42
CA PHE C 55 16.52 18.54 21.92
C PHE C 55 15.28 17.78 21.46
N ASN C 56 15.49 16.56 20.98
CA ASN C 56 14.43 15.67 20.50
C ASN C 56 13.64 16.20 19.32
N ILE C 57 14.32 16.89 18.42
CA ILE C 57 13.68 17.44 17.24
C ILE C 57 13.71 16.36 16.15
N ALA C 58 12.52 15.93 15.73
CA ALA C 58 12.44 14.89 14.71
C ALA C 58 11.91 15.39 13.38
N HIS C 59 12.21 14.62 12.33
CA HIS C 59 11.78 14.89 10.96
C HIS C 59 11.40 13.53 10.38
N TYR C 60 10.29 13.45 9.66
CA TYR C 60 9.87 12.18 9.07
C TYR C 60 9.61 12.24 7.58
N ALA C 61 9.67 11.09 6.94
CA ALA C 61 9.41 10.97 5.52
C ALA C 61 7.91 10.75 5.40
N GLN C 62 7.28 11.53 4.52
CA GLN C 62 5.84 11.46 4.28
C GLN C 62 5.30 10.04 4.18
N ARG C 63 6.00 9.20 3.42
CA ARG C 63 5.59 7.82 3.20
C ARG C 63 5.38 6.98 4.46
N PHE C 64 6.21 7.17 5.48
CA PHE C 64 6.08 6.36 6.69
C PHE C 64 5.34 6.99 7.86
N GLN C 65 4.90 8.23 7.71
CA GLN C 65 4.19 8.88 8.79
C GLN C 65 2.97 8.05 9.16
N GLY C 66 2.73 7.90 10.46
CA GLY C 66 1.60 7.12 10.92
C GLY C 66 2.01 5.70 11.27
N ARG C 67 3.15 5.27 10.73
CA ARG C 67 3.64 3.92 10.98
C ARG C 67 4.96 3.94 11.76
N VAL C 68 5.72 5.00 11.59
CA VAL C 68 7.03 5.11 12.24
C VAL C 68 7.13 6.13 13.36
N SER C 69 7.86 5.76 14.39
CA SER C 69 8.09 6.62 15.55
C SER C 69 9.57 6.56 15.85
N ILE C 70 10.25 7.71 15.77
CA ILE C 70 11.68 7.78 16.03
C ILE C 70 11.93 8.50 17.35
N THR C 71 12.56 7.80 18.29
CA THR C 71 12.85 8.36 19.62
C THR C 71 14.33 8.24 20.02
N ALA C 72 14.71 8.95 21.08
CA ALA C 72 16.08 8.93 21.59
C ALA C 72 16.07 8.89 23.11
N ASP C 73 16.96 8.10 23.70
CA ASP C 73 17.07 7.95 25.14
C ASP C 73 18.43 8.46 25.60
N GLU C 74 18.47 9.67 26.15
CA GLU C 74 19.71 10.27 26.61
C GLU C 74 20.48 9.41 27.60
N SER C 75 19.77 8.83 28.56
CA SER C 75 20.41 7.98 29.56
C SER C 75 21.27 6.90 28.94
N THR C 76 20.74 6.22 27.94
CA THR C 76 21.46 5.13 27.29
C THR C 76 22.13 5.47 25.95
N SER C 77 22.12 6.74 25.57
CA SER C 77 22.72 7.17 24.30
C SER C 77 22.24 6.30 23.16
N THR C 78 20.97 5.92 23.21
CA THR C 78 20.38 5.07 22.20
C THR C 78 19.18 5.72 21.53
N ALA C 79 19.10 5.58 20.21
CA ALA C 79 17.99 6.12 19.44
C ALA C 79 17.20 4.92 18.95
N TYR C 80 15.89 5.08 18.77
CA TYR C 80 15.07 3.97 18.30
C TYR C 80 14.17 4.32 17.13
N MET C 81 13.73 3.30 16.43
CA MET C 81 12.85 3.46 15.31
C MET C 81 11.86 2.31 15.35
N GLU C 82 10.59 2.62 15.61
CA GLU C 82 9.58 1.59 15.66
C GLU C 82 8.69 1.67 14.44
N LEU C 83 8.50 0.54 13.77
CA LEU C 83 7.65 0.47 12.59
C LEU C 83 6.50 -0.49 12.89
N SER C 84 5.28 -0.11 12.48
CA SER C 84 4.11 -0.93 12.75
C SER C 84 3.45 -1.53 11.51
N SER C 85 2.45 -2.38 11.76
CA SER C 85 1.69 -3.01 10.68
C SER C 85 2.55 -3.62 9.59
N LEU C 86 3.74 -4.07 9.97
CA LEU C 86 4.66 -4.68 9.01
C LEU C 86 3.95 -5.51 7.94
N ARG C 87 4.39 -5.35 6.70
CA ARG C 87 3.80 -6.07 5.55
C ARG C 87 4.90 -6.84 4.85
N SER C 88 4.52 -7.77 3.98
CA SER C 88 5.51 -8.54 3.26
C SER C 88 6.42 -7.58 2.48
N GLU C 89 5.94 -6.34 2.33
CA GLU C 89 6.65 -5.31 1.59
C GLU C 89 7.62 -4.49 2.44
N ASP C 90 7.52 -4.60 3.75
CA ASP C 90 8.40 -3.85 4.63
C ASP C 90 9.77 -4.50 4.78
N THR C 91 9.85 -5.80 4.48
CA THR C 91 11.11 -6.49 4.57
C THR C 91 12.20 -5.60 3.99
N ALA C 92 13.24 -5.34 4.78
CA ALA C 92 14.34 -4.52 4.33
C ALA C 92 15.38 -4.40 5.42
N VAL C 93 16.52 -3.82 5.07
CA VAL C 93 17.57 -3.60 6.03
C VAL C 93 17.41 -2.16 6.48
N PHE C 94 17.41 -1.94 7.79
CA PHE C 94 17.29 -0.59 8.31
C PHE C 94 18.62 -0.13 8.88
N TYR C 95 19.22 0.88 8.27
CA TYR C 95 20.49 1.41 8.76
C TYR C 95 20.25 2.67 9.56
N CYS C 96 21.06 2.89 10.59
CA CYS C 96 20.94 4.15 11.27
C CYS C 96 22.23 4.82 10.81
N ALA C 97 22.20 6.13 10.70
CA ALA C 97 23.36 6.86 10.23
C ALA C 97 23.29 8.25 10.82
N SER C 98 24.45 8.88 10.89
CA SER C 98 24.51 10.22 11.46
C SER C 98 25.69 11.01 10.97
N PRO C 99 25.57 12.34 10.95
CA PRO C 99 26.71 13.14 10.50
C PRO C 99 27.69 12.95 11.66
N TYR C 100 28.96 13.21 11.44
CA TYR C 100 29.91 13.02 12.53
C TYR C 100 29.67 14.00 13.68
N PRO C 101 29.72 13.50 14.92
CA PRO C 101 29.50 14.36 16.09
C PRO C 101 30.66 15.34 16.22
N ASN C 102 30.54 16.30 17.13
CA ASN C 102 31.59 17.30 17.33
C ASN C 102 31.47 17.93 18.72
N ASP C 103 32.58 18.03 19.44
CA ASP C 103 32.54 18.59 20.78
C ASP C 103 32.01 20.02 20.82
N TYS C 104 30.83 20.17 21.42
CA TYS C 104 30.20 21.48 21.55
CB TYS C 104 28.67 21.33 21.63
CG TYS C 104 27.98 21.71 20.34
CD1 TYS C 104 26.75 22.35 20.36
CD2 TYS C 104 28.59 21.47 19.12
CE1 TYS C 104 26.13 22.74 19.18
CE2 TYS C 104 27.98 21.86 17.92
CZ TYS C 104 26.75 22.50 17.97
OH TYS C 104 26.13 22.87 16.79
S TYS C 104 25.21 21.96 16.05
O1 TYS C 104 25.64 21.90 14.64
O2 TYS C 104 25.25 20.61 16.64
O3 TYS C 104 23.85 22.51 16.08
C TYS C 104 30.69 22.26 22.75
O TYS C 104 30.10 22.26 23.82
N GLY C 112 27.32 24.38 9.93
CA GLY C 112 26.04 24.17 10.58
C GLY C 112 25.49 22.77 10.39
N MET C 113 25.53 21.98 11.46
CA MET C 113 25.06 20.59 11.44
C MET C 113 24.24 20.16 10.23
N SER C 114 24.91 19.81 9.14
CA SER C 114 24.20 19.35 7.95
C SER C 114 23.76 17.91 8.15
N TRP C 115 22.87 17.43 7.30
CA TRP C 115 22.37 16.08 7.43
C TRP C 115 22.85 15.07 6.38
N TYR C 116 24.16 14.86 6.33
CA TYR C 116 24.73 13.86 5.43
C TYR C 116 25.26 12.81 6.40
N PHE C 117 25.57 11.61 5.94
CA PHE C 117 25.98 10.59 6.89
C PHE C 117 27.38 10.00 6.82
N ASP C 118 28.21 10.37 7.81
CA ASP C 118 29.60 9.86 7.89
C ASP C 118 29.57 8.50 8.56
N LEU C 119 28.76 8.39 9.60
CA LEU C 119 28.65 7.17 10.37
C LEU C 119 27.43 6.37 9.97
N TRP C 120 27.62 5.07 9.74
CA TRP C 120 26.54 4.16 9.39
C TRP C 120 26.62 2.94 10.30
N GLY C 121 25.45 2.45 10.73
CA GLY C 121 25.41 1.26 11.55
C GLY C 121 25.57 0.11 10.58
N ARG C 122 25.65 -1.12 11.08
CA ARG C 122 25.81 -2.25 10.19
C ARG C 122 24.49 -2.65 9.54
N GLY C 123 23.41 -2.05 10.00
CA GLY C 123 22.10 -2.36 9.45
C GLY C 123 21.42 -3.51 10.14
N THR C 124 20.11 -3.40 10.32
CA THR C 124 19.31 -4.44 10.94
C THR C 124 18.32 -4.98 9.91
N LEU C 125 18.45 -6.26 9.57
CA LEU C 125 17.56 -6.87 8.61
C LEU C 125 16.26 -7.28 9.27
N VAL C 126 15.15 -6.82 8.73
CA VAL C 126 13.84 -7.16 9.26
C VAL C 126 13.07 -7.89 8.16
N THR C 127 13.00 -9.21 8.29
CA THR C 127 12.29 -10.05 7.33
C THR C 127 10.88 -10.35 7.80
N VAL C 128 9.89 -9.85 7.06
CA VAL C 128 8.50 -10.10 7.42
C VAL C 128 8.05 -11.38 6.76
N SER C 129 7.69 -12.36 7.58
CA SER C 129 7.26 -13.65 7.07
C SER C 129 6.43 -14.38 8.09
N PRO C 130 5.17 -14.70 7.74
CA PRO C 130 4.29 -15.42 8.67
C PRO C 130 4.84 -16.82 8.87
N ALA C 131 5.93 -17.11 8.16
CA ALA C 131 6.58 -18.40 8.25
C ALA C 131 7.17 -18.60 9.64
N SER C 132 7.67 -19.80 9.89
CA SER C 132 8.26 -20.13 11.18
C SER C 132 9.74 -20.44 11.00
N THR C 133 10.02 -21.66 10.55
CA THR C 133 11.37 -22.13 10.31
C THR C 133 11.25 -23.54 9.76
N LYS C 134 12.05 -23.86 8.75
CA LYS C 134 11.98 -25.19 8.16
C LYS C 134 13.21 -25.59 7.34
N GLY C 135 13.53 -26.88 7.37
CA GLY C 135 14.65 -27.37 6.61
C GLY C 135 14.29 -27.30 5.14
N PRO C 136 15.27 -27.07 4.25
CA PRO C 136 14.97 -26.99 2.82
C PRO C 136 14.77 -28.35 2.17
N SER C 137 14.03 -28.38 1.07
CA SER C 137 13.80 -29.61 0.32
C SER C 137 14.77 -29.47 -0.85
N VAL C 138 15.69 -30.41 -0.97
CA VAL C 138 16.66 -30.37 -2.06
C VAL C 138 16.25 -31.28 -3.21
N PHE C 139 16.10 -30.69 -4.38
CA PHE C 139 15.72 -31.42 -5.57
C PHE C 139 16.81 -31.36 -6.61
N PRO C 140 17.00 -32.45 -7.35
CA PRO C 140 18.04 -32.46 -8.39
C PRO C 140 17.64 -31.69 -9.65
N LEU C 141 18.64 -31.09 -10.28
CA LEU C 141 18.47 -30.37 -11.54
C LEU C 141 19.32 -31.18 -12.52
N ALA C 142 18.76 -32.31 -12.95
CA ALA C 142 19.43 -33.25 -13.85
C ALA C 142 19.65 -32.76 -15.27
N PRO C 143 20.89 -32.93 -15.78
CA PRO C 143 21.33 -32.53 -17.12
C PRO C 143 20.40 -33.06 -18.22
N THR C 152 29.92 -28.88 -23.01
CA THR C 152 29.78 -28.66 -21.58
C THR C 152 28.36 -28.92 -21.11
N ALA C 153 28.25 -29.57 -19.97
CA ALA C 153 26.95 -29.91 -19.40
C ALA C 153 26.66 -29.03 -18.19
N ALA C 154 25.37 -28.91 -17.86
CA ALA C 154 24.95 -28.12 -16.71
C ALA C 154 24.02 -28.96 -15.85
N LEU C 155 24.23 -28.88 -14.54
CA LEU C 155 23.43 -29.61 -13.58
C LEU C 155 23.45 -28.80 -12.30
N GLY C 156 22.53 -29.09 -11.38
CA GLY C 156 22.50 -28.36 -10.14
C GLY C 156 21.50 -28.89 -9.14
N CYS C 157 21.16 -28.05 -8.16
CA CYS C 157 20.22 -28.42 -7.13
C CYS C 157 19.27 -27.28 -6.78
N LEU C 158 17.99 -27.62 -6.61
CA LEU C 158 16.97 -26.65 -6.25
C LEU C 158 16.72 -26.78 -4.74
N VAL C 159 17.00 -25.71 -4.01
CA VAL C 159 16.82 -25.66 -2.56
C VAL C 159 15.55 -24.86 -2.29
N LYS C 160 14.43 -25.57 -2.27
CA LYS C 160 13.14 -24.91 -2.09
C LYS C 160 12.54 -24.93 -0.70
N ASP C 161 11.76 -23.89 -0.42
CA ASP C 161 11.04 -23.72 0.84
C ASP C 161 11.82 -23.96 2.12
N TYR C 162 12.79 -23.08 2.40
CA TYR C 162 13.57 -23.16 3.63
C TYR C 162 13.34 -21.88 4.42
N PHE C 163 13.86 -21.84 5.63
CA PHE C 163 13.68 -20.66 6.48
C PHE C 163 14.43 -20.78 7.81
N PRO C 164 15.15 -19.73 8.21
CA PRO C 164 15.28 -18.48 7.45
C PRO C 164 16.58 -18.58 6.67
N GLU C 165 17.07 -17.44 6.19
CA GLU C 165 18.33 -17.44 5.47
C GLU C 165 19.44 -17.58 6.50
N PRO C 166 20.60 -18.09 6.08
CA PRO C 166 20.84 -18.51 4.71
C PRO C 166 21.13 -20.01 4.65
N VAL C 167 21.48 -20.48 3.47
CA VAL C 167 21.82 -21.87 3.26
C VAL C 167 23.17 -21.84 2.55
N THR C 168 23.82 -22.99 2.45
CA THR C 168 25.11 -23.05 1.76
C THR C 168 25.19 -24.29 0.90
N VAL C 169 25.75 -24.14 -0.29
CA VAL C 169 25.86 -25.26 -1.20
C VAL C 169 27.31 -25.55 -1.54
N SER C 170 27.63 -26.83 -1.62
CA SER C 170 28.98 -27.27 -1.96
C SER C 170 28.86 -28.39 -2.99
N TRP C 171 29.90 -28.59 -3.78
CA TRP C 171 29.86 -29.64 -4.79
C TRP C 171 30.99 -30.65 -4.60
N ASN C 172 30.63 -31.93 -4.65
CA ASN C 172 31.59 -33.00 -4.47
C ASN C 172 32.36 -32.74 -3.19
N SER C 173 31.62 -32.34 -2.15
CA SER C 173 32.20 -32.05 -0.85
C SER C 173 33.24 -30.95 -0.89
N GLY C 174 33.16 -30.08 -1.91
CA GLY C 174 34.11 -28.99 -2.02
C GLY C 174 35.22 -29.26 -3.03
N ALA C 175 35.23 -30.46 -3.59
CA ALA C 175 36.24 -30.82 -4.57
C ALA C 175 35.98 -30.09 -5.88
N LEU C 176 34.73 -29.65 -6.08
CA LEU C 176 34.32 -28.94 -7.28
C LEU C 176 33.88 -27.53 -6.94
N THR C 177 34.56 -26.54 -7.51
CA THR C 177 34.24 -25.14 -7.24
C THR C 177 34.31 -24.29 -8.51
N SER C 178 34.85 -24.88 -9.58
CA SER C 178 34.99 -24.18 -10.86
C SER C 178 33.72 -24.31 -11.69
N GLY C 179 33.15 -23.15 -12.05
CA GLY C 179 31.93 -23.15 -12.86
C GLY C 179 30.66 -23.22 -12.03
N VAL C 180 30.80 -23.03 -10.71
CA VAL C 180 29.66 -23.08 -9.82
C VAL C 180 29.00 -21.72 -9.68
N HIS C 181 27.67 -21.72 -9.66
CA HIS C 181 26.89 -20.50 -9.51
C HIS C 181 25.76 -20.77 -8.54
N THR C 182 25.77 -20.07 -7.42
CA THR C 182 24.73 -20.20 -6.42
C THR C 182 23.97 -18.88 -6.41
N PHE C 183 22.73 -18.92 -6.90
CA PHE C 183 21.92 -17.73 -6.99
C PHE C 183 21.34 -17.22 -5.67
N PRO C 184 20.98 -15.93 -5.63
CA PRO C 184 20.40 -15.29 -4.45
C PRO C 184 19.00 -15.86 -4.26
N ALA C 185 18.59 -16.04 -3.01
CA ALA C 185 17.26 -16.56 -2.73
C ALA C 185 16.17 -15.60 -3.20
N VAL C 186 14.99 -16.14 -3.47
CA VAL C 186 13.85 -15.32 -3.88
C VAL C 186 12.75 -15.53 -2.86
N LEU C 187 11.87 -14.54 -2.72
CA LEU C 187 10.77 -14.62 -1.77
C LEU C 187 9.56 -15.14 -2.53
N GLN C 188 9.17 -16.38 -2.24
CA GLN C 188 8.04 -16.97 -2.93
C GLN C 188 6.72 -16.37 -2.47
N SER C 189 5.76 -16.37 -3.39
CA SER C 189 4.41 -15.84 -3.13
C SER C 189 3.83 -16.40 -1.84
N SER C 190 4.35 -17.56 -1.43
CA SER C 190 3.88 -18.22 -0.22
C SER C 190 4.43 -17.58 1.04
N GLY C 191 5.67 -17.09 0.95
CA GLY C 191 6.29 -16.46 2.10
C GLY C 191 7.53 -17.24 2.51
N LEU C 192 7.88 -18.22 1.70
CA LEU C 192 9.06 -19.05 1.95
C LEU C 192 10.12 -18.70 0.91
N TYR C 193 11.37 -19.06 1.19
CA TYR C 193 12.46 -18.77 0.26
C TYR C 193 12.88 -19.96 -0.58
N SER C 194 13.41 -19.67 -1.77
CA SER C 194 13.85 -20.71 -2.67
C SER C 194 15.18 -20.31 -3.30
N LEU C 195 16.04 -21.29 -3.55
CA LEU C 195 17.34 -21.03 -4.12
C LEU C 195 17.83 -22.20 -4.96
N SER C 196 18.67 -21.91 -5.95
CA SER C 196 19.21 -22.96 -6.80
C SER C 196 20.71 -22.76 -7.00
N SER C 197 21.43 -23.86 -7.13
CA SER C 197 22.87 -23.81 -7.36
C SER C 197 23.15 -24.67 -8.58
N VAL C 198 23.96 -24.16 -9.50
CA VAL C 198 24.26 -24.88 -10.72
C VAL C 198 25.76 -24.96 -10.96
N VAL C 199 26.17 -25.91 -11.79
CA VAL C 199 27.58 -26.07 -12.11
C VAL C 199 27.69 -26.58 -13.52
N THR C 200 28.62 -26.00 -14.30
CA THR C 200 28.82 -26.46 -15.66
C THR C 200 30.02 -27.37 -15.63
N VAL C 201 29.91 -28.53 -16.27
CA VAL C 201 30.99 -29.51 -16.30
C VAL C 201 31.10 -30.17 -17.66
N PRO C 202 32.23 -30.83 -17.95
CA PRO C 202 32.43 -31.48 -19.24
C PRO C 202 31.30 -32.46 -19.57
N SER C 203 30.82 -32.42 -20.80
CA SER C 203 29.75 -33.32 -21.21
C SER C 203 30.23 -34.76 -21.06
N SER C 204 31.51 -34.99 -21.34
CA SER C 204 32.11 -36.31 -21.26
C SER C 204 32.19 -36.85 -19.83
N SER C 205 32.61 -35.99 -18.91
CA SER C 205 32.74 -36.36 -17.51
C SER C 205 31.46 -36.92 -16.88
N LEU C 206 30.34 -36.78 -17.58
CA LEU C 206 29.07 -37.26 -17.08
C LEU C 206 28.93 -38.78 -17.15
N GLY C 207 30.05 -39.47 -17.31
CA GLY C 207 30.02 -40.92 -17.39
C GLY C 207 30.84 -41.59 -16.32
N THR C 208 31.89 -40.90 -15.87
CA THR C 208 32.77 -41.43 -14.84
C THR C 208 32.69 -40.64 -13.54
N GLN C 209 32.69 -39.31 -13.65
CA GLN C 209 32.62 -38.46 -12.47
C GLN C 209 31.25 -38.43 -11.81
N THR C 210 31.28 -38.37 -10.48
CA THR C 210 30.08 -38.33 -9.66
C THR C 210 29.87 -36.91 -9.14
N TYR C 211 28.75 -36.29 -9.51
CA TYR C 211 28.45 -34.94 -9.06
C TYR C 211 27.38 -34.94 -7.99
N ILE C 212 27.70 -34.30 -6.87
CA ILE C 212 26.80 -34.24 -5.73
C ILE C 212 26.85 -32.85 -5.13
N CYS C 213 25.68 -32.31 -4.77
CA CYS C 213 25.63 -30.99 -4.17
C CYS C 213 25.45 -31.16 -2.67
N ASN C 214 26.17 -30.36 -1.89
CA ASN C 214 26.11 -30.43 -0.43
C ASN C 214 25.41 -29.19 0.14
N VAL C 215 24.10 -29.29 0.33
CA VAL C 215 23.32 -28.18 0.86
C VAL C 215 23.34 -28.18 2.38
N ASN C 216 23.40 -26.99 2.97
CA ASN C 216 23.44 -26.87 4.42
C ASN C 216 22.66 -25.67 4.93
N HIS C 217 21.74 -25.93 5.84
CA HIS C 217 20.91 -24.91 6.47
C HIS C 217 21.24 -24.97 7.95
N LYS C 218 22.08 -24.05 8.42
CA LYS C 218 22.47 -24.03 9.82
C LYS C 218 21.32 -23.77 10.80
N PRO C 219 20.41 -22.83 10.49
CA PRO C 219 19.30 -22.56 11.40
C PRO C 219 18.76 -23.86 12.00
N SER C 220 18.24 -24.73 11.17
CA SER C 220 17.76 -26.03 11.63
C SER C 220 18.98 -26.92 11.45
N ASN C 221 18.87 -28.20 11.77
CA ASN C 221 20.03 -29.06 11.58
C ASN C 221 19.86 -29.84 10.28
N THR C 222 19.92 -29.09 9.18
CA THR C 222 19.78 -29.65 7.85
C THR C 222 21.13 -29.74 7.16
N LYS C 223 21.40 -30.90 6.57
CA LYS C 223 22.65 -31.14 5.86
C LYS C 223 22.38 -32.30 4.91
N VAL C 224 21.97 -31.96 3.69
CA VAL C 224 21.66 -32.97 2.70
C VAL C 224 22.57 -32.93 1.49
N ASP C 225 23.02 -34.10 1.08
CA ASP C 225 23.88 -34.25 -0.08
C ASP C 225 23.05 -34.95 -1.16
N LYS C 226 22.80 -34.24 -2.26
CA LYS C 226 21.99 -34.81 -3.33
C LYS C 226 22.82 -35.15 -4.57
N LYS C 227 22.57 -36.33 -5.13
CA LYS C 227 23.28 -36.77 -6.31
C LYS C 227 22.49 -36.41 -7.57
N VAL C 228 23.11 -35.65 -8.45
CA VAL C 228 22.46 -35.25 -9.68
C VAL C 228 22.99 -36.10 -10.82
N GLU C 229 22.09 -36.82 -11.48
CA GLU C 229 22.45 -37.68 -12.59
C GLU C 229 21.50 -37.44 -13.74
N PRO C 230 22.03 -37.21 -14.95
CA PRO C 230 21.22 -36.94 -16.14
C PRO C 230 20.12 -37.97 -16.38
N ASP D 1 9.69 18.89 -2.17
CA ASP D 1 10.16 17.50 -1.89
C ASP D 1 11.24 17.12 -2.91
N ILE D 2 12.34 17.87 -2.89
CA ILE D 2 13.46 17.68 -3.79
C ILE D 2 13.68 16.26 -4.31
N GLN D 3 13.55 16.10 -5.62
CA GLN D 3 13.75 14.81 -6.26
C GLN D 3 15.16 14.76 -6.87
N MET D 4 15.85 13.63 -6.68
CA MET D 4 17.20 13.46 -7.18
C MET D 4 17.23 12.47 -8.35
N THR D 5 17.98 12.83 -9.39
CA THR D 5 18.08 11.98 -10.56
C THR D 5 19.54 11.66 -10.91
N GLN D 6 19.84 10.37 -10.97
CA GLN D 6 21.18 9.91 -11.29
C GLN D 6 21.23 9.29 -12.67
N SER D 7 22.34 9.51 -13.36
CA SER D 7 22.55 8.95 -14.68
C SER D 7 24.05 8.68 -14.87
N PRO D 8 24.39 7.55 -15.52
CA PRO D 8 23.46 6.57 -16.08
C PRO D 8 23.00 5.65 -14.96
N SER D 9 22.03 4.79 -15.26
CA SER D 9 21.54 3.85 -14.26
C SER D 9 22.64 2.82 -14.06
N THR D 10 23.31 2.46 -15.15
CA THR D 10 24.41 1.51 -15.12
C THR D 10 25.54 2.09 -15.96
N LEU D 11 26.74 2.14 -15.39
CA LEU D 11 27.91 2.67 -16.08
C LEU D 11 28.94 1.55 -16.22
N SER D 12 29.28 1.20 -17.46
CA SER D 12 30.27 0.15 -17.72
C SER D 12 31.61 0.78 -18.03
N ALA D 13 32.65 0.37 -17.31
CA ALA D 13 33.98 0.93 -17.56
C ALA D 13 35.10 -0.08 -17.35
N SER D 14 36.33 0.34 -17.64
CA SER D 14 37.50 -0.52 -17.51
C SER D 14 38.44 0.11 -16.50
N VAL D 15 39.18 -0.71 -15.75
CA VAL D 15 40.11 -0.16 -14.78
C VAL D 15 41.02 0.81 -15.52
N GLY D 16 41.42 1.88 -14.83
CA GLY D 16 42.28 2.86 -15.47
C GLY D 16 41.49 3.96 -16.16
N ASP D 17 40.21 3.71 -16.44
CA ASP D 17 39.37 4.72 -17.09
C ASP D 17 39.07 5.87 -16.13
N ARG D 18 38.72 7.02 -16.71
CA ARG D 18 38.33 8.18 -15.92
C ARG D 18 36.82 8.14 -16.08
N VAL D 19 36.10 8.03 -14.97
CA VAL D 19 34.66 7.96 -15.04
C VAL D 19 33.96 9.12 -14.33
N THR D 20 32.75 9.42 -14.78
CA THR D 20 31.96 10.51 -14.20
C THR D 20 30.47 10.16 -14.11
N ILE D 21 29.90 10.35 -12.93
CA ILE D 21 28.48 10.09 -12.70
C ILE D 21 27.83 11.44 -12.45
N THR D 22 26.58 11.59 -12.89
CA THR D 22 25.91 12.86 -12.67
C THR D 22 24.67 12.67 -11.79
N CYS D 23 24.30 13.75 -11.10
CA CYS D 23 23.15 13.73 -10.21
C CYS D 23 22.49 15.10 -10.31
N ARG D 24 21.20 15.10 -10.66
CA ARG D 24 20.47 16.35 -10.78
C ARG D 24 19.35 16.47 -9.77
N ALA D 25 19.22 17.66 -9.20
CA ALA D 25 18.18 17.94 -8.22
C ALA D 25 17.00 18.61 -8.92
N SER D 26 15.79 18.26 -8.53
CA SER D 26 14.60 18.85 -9.15
C SER D 26 14.46 20.30 -8.72
N GLN D 27 15.23 20.69 -7.71
CA GLN D 27 15.22 22.05 -7.18
C GLN D 27 16.65 22.39 -6.84
N SER D 28 16.91 23.64 -6.46
CA SER D 28 18.25 24.05 -6.09
C SER D 28 18.56 23.55 -4.68
N ILE D 29 19.83 23.22 -4.43
CA ILE D 29 20.23 22.73 -3.13
C ILE D 29 21.63 23.25 -2.78
N SER D 30 22.00 24.37 -3.39
CA SER D 30 23.31 24.97 -3.17
C SER D 30 24.40 23.94 -3.44
N ASN D 31 25.27 23.72 -2.47
CA ASN D 31 26.36 22.76 -2.61
C ASN D 31 26.14 21.64 -1.61
N TRP D 32 24.89 21.49 -1.18
CA TRP D 32 24.50 20.48 -0.20
C TRP D 32 24.22 19.12 -0.83
N LEU D 33 25.25 18.51 -1.41
CA LEU D 33 25.09 17.20 -2.03
C LEU D 33 26.15 16.21 -1.53
N ALA D 34 25.71 15.00 -1.22
CA ALA D 34 26.62 13.95 -0.73
C ALA D 34 26.65 12.77 -1.70
N TRP D 35 27.75 12.03 -1.68
CA TRP D 35 27.93 10.85 -2.53
C TRP D 35 28.32 9.67 -1.66
N TYR D 36 27.72 8.52 -1.93
CA TYR D 36 28.02 7.32 -1.16
C TYR D 36 28.33 6.17 -2.11
N GLN D 37 29.15 5.24 -1.63
CA GLN D 37 29.51 4.06 -2.39
C GLN D 37 28.96 2.89 -1.59
N GLN D 38 28.39 1.90 -2.25
CA GLN D 38 27.88 0.73 -1.54
C GLN D 38 28.18 -0.55 -2.30
N LYS D 39 28.73 -1.53 -1.60
CA LYS D 39 29.03 -2.82 -2.20
C LYS D 39 27.96 -3.78 -1.69
N PRO D 40 27.58 -4.77 -2.51
CA PRO D 40 26.56 -5.74 -2.13
C PRO D 40 26.66 -6.28 -0.70
N GLY D 41 25.51 -6.29 -0.03
CA GLY D 41 25.46 -6.78 1.34
C GLY D 41 26.08 -5.86 2.38
N ARG D 42 26.81 -4.84 1.93
CA ARG D 42 27.47 -3.91 2.86
C ARG D 42 26.73 -2.59 3.01
N ALA D 43 27.00 -1.90 4.12
CA ALA D 43 26.39 -0.60 4.38
C ALA D 43 27.03 0.46 3.50
N PRO D 44 26.25 1.48 3.12
CA PRO D 44 26.84 2.54 2.27
C PRO D 44 28.02 3.19 3.00
N LYS D 45 28.90 3.81 2.23
CA LYS D 45 30.07 4.49 2.77
C LYS D 45 30.05 5.92 2.22
N LEU D 46 30.35 6.89 3.09
CA LEU D 46 30.39 8.29 2.67
C LEU D 46 31.70 8.62 1.93
N LEU D 47 31.57 9.14 0.72
CA LEU D 47 32.72 9.51 -0.09
C LEU D 47 32.97 11.02 -0.01
N MET D 48 31.90 11.78 -0.23
CA MET D 48 31.99 13.24 -0.22
C MET D 48 30.74 13.93 0.34
N TYR D 49 30.95 15.12 0.91
CA TYR D 49 29.86 15.90 1.45
C TYR D 49 30.07 17.36 1.02
N LYS D 50 28.99 18.13 0.98
CA LYS D 50 29.07 19.53 0.57
C LYS D 50 29.59 19.61 -0.86
N ALA D 51 29.16 18.65 -1.69
CA ALA D 51 29.51 18.58 -3.11
C ALA D 51 30.94 18.18 -3.46
N SER D 52 31.94 18.68 -2.73
CA SER D 52 33.33 18.36 -3.07
C SER D 52 34.28 18.13 -1.92
N SER D 53 33.76 17.95 -0.71
CA SER D 53 34.61 17.71 0.44
C SER D 53 34.69 16.22 0.74
N LEU D 54 35.81 15.59 0.36
CA LEU D 54 35.99 14.16 0.59
C LEU D 54 36.10 13.81 2.05
N LYS D 55 35.55 12.66 2.42
CA LYS D 55 35.63 12.21 3.80
C LYS D 55 37.08 11.79 4.03
N SER D 56 37.56 11.96 5.26
CA SER D 56 38.92 11.59 5.58
C SER D 56 39.13 10.11 5.30
N GLY D 57 40.15 9.79 4.52
CA GLY D 57 40.45 8.41 4.21
C GLY D 57 40.06 7.99 2.80
N VAL D 58 39.14 8.74 2.19
CA VAL D 58 38.69 8.44 0.82
C VAL D 58 39.83 8.75 -0.15
N PRO D 59 40.14 7.81 -1.05
CA PRO D 59 41.21 7.98 -2.03
C PRO D 59 41.08 9.26 -2.85
N SER D 60 42.21 9.89 -3.12
CA SER D 60 42.27 11.14 -3.88
C SER D 60 41.72 11.06 -5.30
N ARG D 61 41.55 9.85 -5.82
CA ARG D 61 41.04 9.72 -7.18
C ARG D 61 39.56 10.09 -7.27
N PHE D 62 38.92 10.24 -6.11
CA PHE D 62 37.52 10.62 -6.09
C PHE D 62 37.39 12.13 -5.90
N SER D 63 36.61 12.78 -6.76
CA SER D 63 36.41 14.21 -6.63
C SER D 63 35.01 14.59 -7.10
N GLY D 64 34.39 15.54 -6.42
CA GLY D 64 33.05 15.96 -6.80
C GLY D 64 32.97 17.44 -7.15
N SER D 65 32.02 17.78 -8.01
CA SER D 65 31.82 19.16 -8.41
C SER D 65 30.34 19.44 -8.69
N GLY D 66 30.01 20.72 -8.86
CA GLY D 66 28.64 21.10 -9.14
C GLY D 66 28.03 21.98 -8.06
N SER D 67 26.86 22.53 -8.32
CA SER D 67 26.18 23.39 -7.36
C SER D 67 24.74 23.69 -7.79
N GLY D 68 23.87 23.89 -6.81
CA GLY D 68 22.48 24.20 -7.08
C GLY D 68 21.66 23.02 -7.58
N THR D 69 21.87 22.64 -8.83
CA THR D 69 21.09 21.56 -9.42
C THR D 69 21.89 20.54 -10.22
N GLU D 70 23.14 20.87 -10.56
CA GLU D 70 23.98 19.97 -11.35
C GLU D 70 25.25 19.56 -10.62
N PHE D 71 25.43 18.26 -10.43
CA PHE D 71 26.60 17.74 -9.73
C PHE D 71 27.20 16.51 -10.40
N THR D 72 28.49 16.28 -10.16
CA THR D 72 29.17 15.13 -10.73
C THR D 72 30.19 14.54 -9.76
N LEU D 73 30.36 13.23 -9.85
CA LEU D 73 31.34 12.52 -9.05
C LEU D 73 32.30 11.99 -10.09
N THR D 74 33.59 12.26 -9.92
CA THR D 74 34.56 11.78 -10.89
C THR D 74 35.62 10.89 -10.26
N ILE D 75 35.95 9.81 -10.96
CA ILE D 75 36.99 8.90 -10.52
C ILE D 75 38.06 9.03 -11.59
N SER D 76 39.18 9.65 -11.25
CA SER D 76 40.27 9.88 -12.18
C SER D 76 40.79 8.62 -12.88
N SER D 77 41.11 7.60 -12.10
CA SER D 77 41.63 6.34 -12.63
C SER D 77 40.96 5.19 -11.89
N LEU D 78 40.00 4.55 -12.54
CA LEU D 78 39.23 3.46 -11.95
C LEU D 78 40.03 2.27 -11.40
N GLN D 79 39.81 1.93 -10.14
CA GLN D 79 40.49 0.79 -9.50
C GLN D 79 39.50 -0.34 -9.28
N SER D 80 40.01 -1.57 -9.15
CA SER D 80 39.14 -2.72 -8.94
C SER D 80 38.17 -2.52 -7.78
N ASP D 81 38.64 -1.83 -6.75
CA ASP D 81 37.83 -1.58 -5.57
C ASP D 81 36.69 -0.57 -5.81
N ASP D 82 36.67 0.06 -6.98
CA ASP D 82 35.67 1.07 -7.30
C ASP D 82 34.37 0.55 -7.91
N PHE D 83 34.39 -0.66 -8.47
CA PHE D 83 33.16 -1.22 -9.04
C PHE D 83 32.17 -1.49 -7.91
N ALA D 84 31.08 -0.75 -7.95
CA ALA D 84 30.05 -0.85 -6.92
C ALA D 84 28.89 0.05 -7.33
N THR D 85 27.98 0.35 -6.41
CA THR D 85 26.87 1.22 -6.72
C THR D 85 27.05 2.52 -5.97
N TYR D 86 26.83 3.64 -6.65
CA TYR D 86 26.98 4.95 -6.05
C TYR D 86 25.66 5.70 -5.96
N TYR D 87 25.41 6.33 -4.82
CA TYR D 87 24.18 7.11 -4.60
C TYR D 87 24.49 8.55 -4.24
N CYS D 88 23.69 9.49 -4.74
CA CYS D 88 23.88 10.88 -4.34
C CYS D 88 22.73 11.18 -3.40
N GLN D 89 22.92 12.16 -2.52
CA GLN D 89 21.89 12.52 -1.55
C GLN D 89 21.99 14.00 -1.27
N GLN D 90 20.87 14.72 -1.35
CA GLN D 90 20.93 16.14 -1.02
C GLN D 90 20.71 16.27 0.48
N HIS D 91 21.53 17.09 1.11
CA HIS D 91 21.40 17.34 2.54
C HIS D 91 21.11 18.83 2.69
N ASP D 92 20.23 19.30 1.82
CA ASP D 92 19.82 20.70 1.82
C ASP D 92 18.64 20.87 2.79
N SER D 93 17.64 20.00 2.65
CA SER D 93 16.47 20.08 3.51
C SER D 93 15.64 18.80 3.57
N SER D 94 14.83 18.70 4.62
CA SER D 94 13.95 17.56 4.84
C SER D 94 12.78 17.68 3.88
N PRO D 95 12.28 16.54 3.35
CA PRO D 95 12.73 15.17 3.59
C PRO D 95 13.97 14.88 2.76
N TYR D 96 14.98 14.28 3.40
CA TYR D 96 16.21 13.97 2.71
C TYR D 96 15.99 12.87 1.70
N THR D 97 16.46 13.14 0.48
CA THR D 97 16.26 12.22 -0.62
C THR D 97 17.54 11.78 -1.34
N PHE D 98 17.52 10.56 -1.86
CA PHE D 98 18.65 9.98 -2.58
C PHE D 98 18.37 9.80 -4.06
N GLY D 99 19.44 9.74 -4.85
CA GLY D 99 19.29 9.47 -6.27
C GLY D 99 19.04 7.99 -6.27
N GLN D 100 18.61 7.41 -7.39
CA GLN D 100 18.34 5.98 -7.42
C GLN D 100 19.56 5.08 -7.58
N GLY D 101 20.74 5.69 -7.64
CA GLY D 101 21.96 4.92 -7.75
C GLY D 101 22.46 4.63 -9.15
N THR D 102 23.78 4.51 -9.28
CA THR D 102 24.40 4.19 -10.56
C THR D 102 25.30 3.00 -10.31
N LYS D 103 25.02 1.88 -10.98
CA LYS D 103 25.87 0.71 -10.81
C LYS D 103 27.08 0.84 -11.73
N LEU D 104 28.27 0.85 -11.15
CA LEU D 104 29.50 0.95 -11.93
C LEU D 104 30.00 -0.48 -12.05
N GLU D 105 29.86 -1.03 -13.26
CA GLU D 105 30.24 -2.43 -13.51
C GLU D 105 31.40 -2.56 -14.50
N ILE D 106 32.02 -3.74 -14.48
CA ILE D 106 33.15 -4.03 -15.36
C ILE D 106 32.70 -4.28 -16.79
N LYS D 107 33.25 -3.53 -17.72
CA LYS D 107 32.93 -3.65 -19.13
C LYS D 107 33.73 -4.77 -19.79
N ARG D 108 33.04 -5.57 -20.60
CA ARG D 108 33.66 -6.66 -21.35
C ARG D 108 32.84 -6.79 -22.62
N THR D 109 33.24 -7.71 -23.49
CA THR D 109 32.55 -7.92 -24.75
C THR D 109 31.20 -8.60 -24.52
N VAL D 110 30.28 -8.39 -25.46
CA VAL D 110 28.96 -8.99 -25.37
C VAL D 110 29.13 -10.50 -25.45
N ALA D 111 28.41 -11.22 -24.59
CA ALA D 111 28.46 -12.67 -24.57
C ALA D 111 27.04 -13.20 -24.44
N ALA D 112 26.65 -14.11 -25.34
CA ALA D 112 25.33 -14.68 -25.31
C ALA D 112 25.19 -15.69 -24.18
N PRO D 113 23.97 -15.84 -23.65
CA PRO D 113 23.74 -16.79 -22.56
C PRO D 113 23.78 -18.21 -23.09
N SER D 114 24.28 -19.15 -22.28
CA SER D 114 24.25 -20.55 -22.68
C SER D 114 22.98 -20.94 -21.93
N VAL D 115 22.01 -21.51 -22.62
CA VAL D 115 20.73 -21.86 -21.99
C VAL D 115 20.48 -23.32 -21.72
N PHE D 116 19.91 -23.59 -20.55
CA PHE D 116 19.59 -24.95 -20.14
C PHE D 116 18.23 -24.95 -19.45
N ILE D 117 17.46 -26.01 -19.65
CA ILE D 117 16.15 -26.14 -19.01
C ILE D 117 16.13 -27.47 -18.25
N PHE D 118 15.51 -27.46 -17.08
CA PHE D 118 15.44 -28.66 -16.25
C PHE D 118 14.00 -28.92 -15.82
N PRO D 119 13.50 -30.13 -16.05
CA PRO D 119 12.13 -30.46 -15.67
C PRO D 119 12.09 -30.70 -14.17
N PRO D 120 10.88 -30.81 -13.59
CA PRO D 120 10.81 -31.06 -12.15
C PRO D 120 11.23 -32.50 -11.86
N SER D 121 11.66 -32.75 -10.63
CA SER D 121 12.07 -34.10 -10.25
C SER D 121 10.86 -34.89 -9.79
N ASP D 122 10.93 -36.22 -9.92
CA ASP D 122 9.82 -37.06 -9.48
C ASP D 122 9.66 -36.87 -7.99
N GLU D 123 10.79 -36.71 -7.31
CA GLU D 123 10.80 -36.51 -5.87
C GLU D 123 9.89 -35.34 -5.49
N GLN D 124 10.00 -34.24 -6.23
CA GLN D 124 9.19 -33.06 -5.95
C GLN D 124 7.72 -33.25 -6.29
N LEU D 125 7.43 -33.94 -7.38
CA LEU D 125 6.04 -34.15 -7.77
C LEU D 125 5.21 -34.74 -6.64
N LYS D 126 5.83 -35.54 -5.77
CA LYS D 126 5.13 -36.16 -4.65
C LYS D 126 4.54 -35.09 -3.74
N SER D 127 5.22 -33.95 -3.65
CA SER D 127 4.79 -32.83 -2.83
C SER D 127 3.55 -32.14 -3.40
N GLY D 128 3.26 -32.40 -4.67
CA GLY D 128 2.11 -31.76 -5.29
C GLY D 128 2.47 -30.51 -6.08
N THR D 129 3.73 -30.11 -6.01
CA THR D 129 4.20 -28.94 -6.74
C THR D 129 5.25 -29.39 -7.76
N ALA D 130 5.46 -28.56 -8.78
CA ALA D 130 6.43 -28.86 -9.82
C ALA D 130 7.17 -27.59 -10.23
N SER D 131 8.49 -27.57 -10.06
CA SER D 131 9.29 -26.42 -10.44
C SER D 131 10.07 -26.72 -11.72
N VAL D 132 9.94 -25.84 -12.71
CA VAL D 132 10.67 -26.00 -13.96
C VAL D 132 11.68 -24.88 -13.92
N VAL D 133 12.95 -25.20 -14.16
CA VAL D 133 14.00 -24.21 -14.12
C VAL D 133 14.73 -24.01 -15.43
N CYS D 134 15.00 -22.76 -15.74
CA CYS D 134 15.71 -22.37 -16.95
C CYS D 134 16.95 -21.61 -16.47
N LEU D 135 18.12 -21.98 -17.00
CA LEU D 135 19.37 -21.34 -16.63
C LEU D 135 20.03 -20.61 -17.78
N LEU D 136 20.35 -19.34 -17.57
CA LEU D 136 21.04 -18.52 -18.55
C LEU D 136 22.42 -18.37 -17.91
N ASN D 137 23.43 -18.99 -18.52
CA ASN D 137 24.76 -18.96 -17.93
C ASN D 137 25.82 -18.13 -18.65
N ASN D 138 26.61 -17.43 -17.85
CA ASN D 138 27.72 -16.62 -18.32
C ASN D 138 27.48 -15.72 -19.52
N PHE D 139 26.63 -14.71 -19.33
CA PHE D 139 26.30 -13.78 -20.40
C PHE D 139 26.60 -12.35 -20.02
N TYR D 140 26.56 -11.46 -21.00
CA TYR D 140 26.83 -10.05 -20.78
C TYR D 140 26.39 -9.27 -22.02
N PRO D 141 25.75 -8.10 -21.83
CA PRO D 141 25.41 -7.45 -20.56
C PRO D 141 24.34 -8.15 -19.70
N ARG D 142 24.04 -7.53 -18.57
CA ARG D 142 23.09 -8.08 -17.61
C ARG D 142 21.65 -8.23 -18.12
N GLU D 143 21.20 -7.25 -18.90
CA GLU D 143 19.84 -7.27 -19.42
C GLU D 143 19.52 -8.51 -20.23
N ALA D 144 18.44 -9.19 -19.85
CA ALA D 144 17.99 -10.40 -20.51
C ALA D 144 16.49 -10.59 -20.32
N LYS D 145 15.86 -11.30 -21.25
CA LYS D 145 14.42 -11.57 -21.18
C LYS D 145 14.14 -13.06 -21.24
N VAL D 146 13.38 -13.56 -20.28
CA VAL D 146 13.03 -14.96 -20.25
C VAL D 146 11.52 -15.12 -20.36
N GLN D 147 11.08 -15.92 -21.31
CA GLN D 147 9.66 -16.14 -21.49
C GLN D 147 9.36 -17.63 -21.46
N TRP D 148 8.39 -18.02 -20.63
CA TRP D 148 8.01 -19.41 -20.54
C TRP D 148 6.78 -19.68 -21.40
N LYS D 149 6.77 -20.82 -22.08
CA LYS D 149 5.65 -21.21 -22.91
C LYS D 149 5.32 -22.68 -22.64
N VAL D 150 4.04 -22.95 -22.36
CA VAL D 150 3.60 -24.32 -22.09
C VAL D 150 2.63 -24.72 -23.22
N ASP D 151 3.10 -25.55 -24.12
CA ASP D 151 2.32 -25.98 -25.28
C ASP D 151 2.10 -24.72 -26.11
N ASN D 152 3.11 -23.86 -26.09
CA ASN D 152 3.10 -22.59 -26.81
C ASN D 152 2.20 -21.55 -26.16
N ALA D 153 1.78 -21.82 -24.93
CA ALA D 153 0.92 -20.89 -24.20
C ALA D 153 1.79 -20.05 -23.28
N LEU D 154 2.14 -18.85 -23.74
CA LEU D 154 2.98 -17.93 -22.98
C LEU D 154 2.48 -17.83 -21.54
N GLN D 155 3.39 -18.10 -20.59
CA GLN D 155 3.06 -18.04 -19.17
C GLN D 155 3.29 -16.65 -18.60
N SER D 156 2.49 -16.28 -17.59
CA SER D 156 2.62 -14.99 -16.94
C SER D 156 2.24 -15.06 -15.45
N GLY D 157 3.02 -14.38 -14.62
CA GLY D 157 2.74 -14.36 -13.20
C GLY D 157 3.15 -15.58 -12.39
N ASN D 158 3.62 -16.64 -13.06
CA ASN D 158 4.01 -17.85 -12.33
C ASN D 158 5.52 -18.19 -12.39
N SER D 159 6.35 -17.20 -12.69
CA SER D 159 7.79 -17.41 -12.76
C SER D 159 8.53 -16.32 -12.00
N GLN D 160 9.62 -16.71 -11.33
CA GLN D 160 10.46 -15.78 -10.60
C GLN D 160 11.89 -16.01 -11.04
N GLU D 161 12.71 -14.95 -11.03
CA GLU D 161 14.10 -15.12 -11.43
C GLU D 161 15.09 -14.50 -10.47
N SER D 162 16.33 -14.97 -10.57
CA SER D 162 17.41 -14.52 -9.72
C SER D 162 18.66 -14.41 -10.58
N VAL D 163 19.46 -13.38 -10.33
CA VAL D 163 20.69 -13.12 -11.09
C VAL D 163 21.89 -12.96 -10.17
N THR D 164 23.02 -13.53 -10.57
CA THR D 164 24.24 -13.44 -9.76
C THR D 164 24.91 -12.08 -9.96
N GLU D 165 25.92 -11.82 -9.13
CA GLU D 165 26.66 -10.58 -9.26
C GLU D 165 27.73 -10.85 -10.31
N GLN D 166 28.20 -9.80 -10.95
CA GLN D 166 29.22 -9.95 -12.00
C GLN D 166 30.36 -10.84 -11.52
N ASP D 167 30.66 -11.86 -12.33
CA ASP D 167 31.70 -12.82 -12.01
C ASP D 167 33.10 -12.20 -11.96
N SER D 168 33.72 -12.23 -10.78
CA SER D 168 35.04 -11.66 -10.58
C SER D 168 36.06 -12.12 -11.60
N LYS D 169 35.87 -13.33 -12.14
CA LYS D 169 36.79 -13.86 -13.14
C LYS D 169 36.50 -13.41 -14.58
N ASP D 170 35.41 -13.89 -15.17
CA ASP D 170 35.06 -13.51 -16.54
C ASP D 170 34.12 -12.31 -16.71
N SER D 171 33.75 -11.66 -15.61
CA SER D 171 32.88 -10.48 -15.65
C SER D 171 31.51 -10.69 -16.29
N THR D 172 31.03 -11.93 -16.29
CA THR D 172 29.72 -12.23 -16.86
C THR D 172 28.70 -12.36 -15.76
N TYR D 173 27.44 -12.54 -16.16
CA TYR D 173 26.32 -12.72 -15.25
C TYR D 173 25.63 -14.03 -15.62
N SER D 174 24.90 -14.58 -14.66
CA SER D 174 24.13 -15.79 -14.88
C SER D 174 22.78 -15.49 -14.28
N LEU D 175 21.76 -16.17 -14.78
CA LEU D 175 20.40 -15.94 -14.31
C LEU D 175 19.63 -17.25 -14.26
N SER D 176 18.72 -17.33 -13.31
CA SER D 176 17.91 -18.50 -13.13
C SER D 176 16.46 -18.07 -13.12
N SER D 177 15.62 -18.79 -13.86
CA SER D 177 14.20 -18.48 -13.91
C SER D 177 13.48 -19.75 -13.50
N THR D 178 12.64 -19.64 -12.48
CA THR D 178 11.89 -20.80 -11.99
C THR D 178 10.39 -20.68 -12.21
N LEU D 179 9.83 -21.63 -12.95
CA LEU D 179 8.41 -21.67 -13.23
C LEU D 179 7.75 -22.65 -12.26
N THR D 180 6.73 -22.18 -11.55
CA THR D 180 6.06 -23.04 -10.58
C THR D 180 4.66 -23.40 -11.04
N LEU D 181 4.36 -24.70 -11.04
CA LEU D 181 3.05 -25.20 -11.44
C LEU D 181 2.64 -26.29 -10.45
N SER D 182 1.34 -26.53 -10.36
CA SER D 182 0.84 -27.58 -9.48
C SER D 182 1.23 -28.87 -10.19
N LYS D 183 1.24 -29.97 -9.47
CA LYS D 183 1.58 -31.26 -10.07
C LYS D 183 0.57 -31.59 -11.16
N ALA D 184 -0.70 -31.41 -10.83
CA ALA D 184 -1.79 -31.69 -11.75
C ALA D 184 -1.66 -30.89 -13.04
N ASP D 185 -1.45 -29.59 -12.93
CA ASP D 185 -1.30 -28.75 -14.12
C ASP D 185 -0.11 -29.20 -14.93
N TYR D 186 1.00 -29.44 -14.27
CA TYR D 186 2.21 -29.86 -14.96
C TYR D 186 1.92 -31.07 -15.85
N GLU D 187 1.18 -32.05 -15.32
CA GLU D 187 0.87 -33.25 -16.07
C GLU D 187 -0.17 -33.09 -17.19
N LYS D 188 -0.77 -31.91 -17.27
CA LYS D 188 -1.77 -31.66 -18.31
C LYS D 188 -1.11 -31.36 -19.65
N HIS D 189 0.01 -30.65 -19.59
CA HIS D 189 0.72 -30.24 -20.80
C HIS D 189 1.96 -31.08 -21.12
N LYS D 190 2.47 -30.92 -22.33
CA LYS D 190 3.65 -31.68 -22.76
C LYS D 190 4.83 -30.82 -23.14
N LEU D 191 4.57 -29.74 -23.87
CA LEU D 191 5.65 -28.86 -24.30
C LEU D 191 6.02 -27.75 -23.33
N TYR D 192 7.16 -27.90 -22.68
CA TYR D 192 7.67 -26.91 -21.74
C TYR D 192 8.91 -26.29 -22.35
N ALA D 193 8.92 -24.98 -22.49
CA ALA D 193 10.06 -24.30 -23.08
C ALA D 193 10.29 -22.89 -22.54
N CYS D 194 11.55 -22.47 -22.54
CA CYS D 194 11.87 -21.12 -22.12
C CYS D 194 12.59 -20.44 -23.28
N GLU D 195 12.09 -19.27 -23.64
CA GLU D 195 12.64 -18.49 -24.72
C GLU D 195 13.46 -17.36 -24.13
N VAL D 196 14.72 -17.30 -24.54
CA VAL D 196 15.66 -16.30 -24.05
C VAL D 196 16.00 -15.26 -25.09
N THR D 197 15.93 -14.00 -24.69
CA THR D 197 16.25 -12.88 -25.57
C THR D 197 17.42 -12.14 -24.94
N HIS D 198 18.43 -11.85 -25.74
CA HIS D 198 19.61 -11.16 -25.24
C HIS D 198 20.37 -10.49 -26.38
N GLN D 199 21.07 -9.41 -26.05
CA GLN D 199 21.82 -8.68 -27.06
C GLN D 199 22.80 -9.58 -27.82
N GLY D 200 23.29 -10.62 -27.17
CA GLY D 200 24.24 -11.52 -27.81
C GLY D 200 23.61 -12.53 -28.76
N LEU D 201 22.31 -12.73 -28.64
CA LEU D 201 21.60 -13.68 -29.49
C LEU D 201 20.94 -12.92 -30.64
N SER D 202 21.32 -13.27 -31.87
CA SER D 202 20.78 -12.61 -33.06
C SER D 202 19.25 -12.75 -33.13
N SER D 203 18.75 -13.83 -32.54
CA SER D 203 17.32 -14.10 -32.47
C SER D 203 17.11 -14.92 -31.21
N PRO D 204 15.92 -14.82 -30.57
CA PRO D 204 15.65 -15.57 -29.34
C PRO D 204 15.95 -17.06 -29.45
N VAL D 205 16.54 -17.61 -28.39
CA VAL D 205 16.87 -19.02 -28.34
C VAL D 205 15.88 -19.73 -27.43
N THR D 206 15.43 -20.89 -27.87
CA THR D 206 14.47 -21.66 -27.10
C THR D 206 14.98 -23.03 -26.72
N LYS D 207 14.80 -23.38 -25.45
CA LYS D 207 15.19 -24.68 -24.94
C LYS D 207 13.90 -25.29 -24.41
N SER D 208 13.70 -26.57 -24.68
CA SER D 208 12.47 -27.21 -24.26
C SER D 208 12.59 -28.70 -24.05
N PHE D 209 11.53 -29.28 -23.50
CA PHE D 209 11.45 -30.70 -23.26
C PHE D 209 9.97 -31.08 -23.24
N ASN D 210 9.70 -32.37 -23.48
CA ASN D 210 8.34 -32.88 -23.48
C ASN D 210 8.12 -33.77 -22.27
N ARG D 211 7.27 -33.32 -21.35
CA ARG D 211 6.98 -34.10 -20.16
C ARG D 211 6.68 -35.54 -20.54
N GLY D 212 5.88 -35.70 -21.59
CA GLY D 212 5.52 -37.02 -22.06
C GLY D 212 6.66 -37.68 -22.83
N GLU D 213 6.63 -37.54 -24.15
CA GLU D 213 7.65 -38.12 -25.03
C GLU D 213 8.83 -38.65 -24.26
N CYS D 214 9.79 -37.78 -23.96
CA CYS D 214 10.94 -38.20 -23.19
C CYS D 214 10.87 -37.63 -21.77
C1 GLC E . -39.06 21.97 20.86
C2 GLC E . -38.87 20.62 20.14
C3 GLC E . -39.60 19.51 20.94
C4 GLC E . -39.08 19.41 22.41
C5 GLC E . -39.14 20.84 23.10
C6 GLC E . -38.42 21.04 24.44
O2 GLC E . -39.37 20.73 18.80
O3 GLC E . -39.36 18.28 20.26
O4 GLC E . -39.95 18.52 23.09
O5 GLC E . -38.59 21.88 22.23
O6 GLC E . -37.01 20.83 24.36
C1 FRU E . -40.59 23.91 18.96
C2 FRU E . -40.66 23.84 20.51
C3 FRU E . -41.99 24.39 21.08
C4 FRU E . -41.60 24.71 22.54
C5 FRU E . -40.18 25.28 22.32
C6 FRU E . -39.23 25.11 23.51
O1 FRU E . -40.54 25.23 18.45
O2 FRU E . -40.46 22.44 20.85
O3 FRU E . -43.07 23.44 21.04
O4 FRU E . -42.43 25.70 23.14
O5 FRU E . -39.64 24.64 21.17
O6 FRU E . -37.89 25.50 23.16
C1 GLC F . -29.70 18.20 4.30
C2 GLC F . -28.52 17.40 3.72
C3 GLC F . -29.01 16.49 2.58
C4 GLC F . -30.12 15.52 3.07
C5 GLC F . -31.28 16.32 3.80
C6 GLC F . -32.34 15.54 4.59
O2 GLC F . -27.50 18.32 3.28
O3 GLC F . -27.88 15.76 2.09
O4 GLC F . -30.64 14.88 1.92
O5 GLC F . -30.74 17.29 4.75
O6 GLC F . -31.80 14.62 5.54
C1 FRU F . -29.10 21.17 3.97
C2 FRU F . -30.51 20.53 3.87
C3 FRU F . -31.48 21.36 2.99
C4 FRU F . -32.84 20.84 3.45
C5 FRU F . -32.58 20.73 4.97
C6 FRU F . -33.45 19.69 5.70
O1 FRU F . -29.09 22.40 4.67
O2 FRU F . -30.28 19.17 3.33
O3 FRU F . -31.31 21.14 1.59
O4 FRU F . -33.92 21.77 3.22
O5 FRU F . -31.20 20.43 5.14
O6 FRU F . -33.09 19.60 7.07
C1 GLC G . -38.04 23.96 26.98
C2 GLC G . -39.50 23.63 27.25
C3 GLC G . -39.63 22.90 28.62
C4 GLC G . -38.76 21.60 28.67
C5 GLC G . -37.27 21.93 28.23
C6 GLC G . -36.32 20.76 27.95
O2 GLC G . -40.27 24.84 27.21
O3 GLC G . -41.01 22.59 28.81
O4 GLC G . -38.77 21.12 30.00
O5 GLC G . -37.22 22.75 27.03
O6 GLC G . -36.91 19.69 27.23
C1 FRU G . -37.43 27.09 26.86
C2 FRU G . -36.56 25.95 27.45
C3 FRU G . -35.58 26.40 28.57
C4 FRU G . -34.57 25.25 28.55
C5 FRU G . -34.41 25.10 27.03
C6 FRU G . -33.91 23.74 26.53
O1 FRU G . -36.67 28.05 26.11
O2 FRU G . -37.52 24.95 27.95
O3 FRU G . -36.16 26.50 29.88
O4 FRU G . -33.32 25.59 29.15
O5 FRU G . -35.68 25.39 26.45
O6 FRU G . -33.88 23.77 25.10
C1 GLC H . -23.97 38.41 14.82
C2 GLC H . -23.64 39.30 16.04
C3 GLC H . -23.69 40.78 15.61
C4 GLC H . -22.70 41.09 14.44
C5 GLC H . -22.88 40.07 13.25
C6 GLC H . -21.80 39.98 12.16
O2 GLC H . -24.57 39.02 17.11
O3 GLC H . -23.37 41.57 16.76
O4 GLC H . -23.01 42.40 13.99
O5 GLC H . -23.01 38.69 13.75
O6 GLC H . -20.53 39.52 12.62
C1 FRU H . -26.46 36.60 14.96
C2 FRU H . -26.02 37.45 13.73
C3 FRU H . -27.21 37.83 12.79
C4 FRU H . -26.49 38.10 11.47
C5 FRU H . -25.44 36.97 11.51
C6 FRU H . -24.16 37.23 10.71
O1 FRU H . -26.92 35.30 14.62
O2 FRU H . -25.35 38.62 14.31
O3 FRU H . -27.92 39.01 13.20
O4 FRU H . -27.34 37.92 10.33
O5 FRU H . -25.11 36.74 12.87
O6 FRU H . -23.10 36.42 11.20
C1 GLC I . 5.11 10.92 13.63
C2 GLC I . 4.83 9.56 12.97
C3 GLC I . 3.70 8.85 13.76
C4 GLC I . 4.07 8.66 15.27
C5 GLC I . 4.56 10.03 15.90
C6 GLC I . 5.27 9.98 17.26
O2 GLC I . 4.47 9.74 11.61
O3 GLC I . 3.48 7.58 13.15
O4 GLC I . 2.88 8.22 15.91
O5 GLC I . 5.48 10.73 15.03
O6 GLC I . 6.55 9.34 17.23
C1 FRU I . 4.42 13.22 11.69
C2 FRU I . 4.17 13.21 13.23
C3 FRU I . 2.98 14.14 13.67
C4 FRU I . 3.31 14.36 15.16
C5 FRU I . 4.84 14.52 15.08
C6 FRU I . 5.61 14.15 16.35
O1 FRU I . 4.91 14.47 11.21
O2 FRU I . 3.93 11.81 13.56
O3 FRU I . 1.69 13.51 13.55
O4 FRU I . 2.72 15.56 15.68
O5 FRU I . 5.29 13.71 14.00
O6 FRU I . 7.00 14.45 16.19
C1 GLC J . 6.22 12.58 19.94
C2 GLC J . 4.68 12.60 20.04
C3 GLC J . 4.25 11.89 21.35
C4 GLC J . 4.77 10.43 21.43
C5 GLC J . 6.33 10.37 21.15
C6 GLC J . 6.99 9.00 20.88
O2 GLC J . 4.21 13.95 19.99
O3 GLC J . 2.82 11.91 21.40
O4 GLC J . 4.50 9.97 22.75
O5 GLC J . 6.70 11.20 20.00
O6 GLC J . 6.25 8.14 20.02
C1 FRU J . 7.36 15.51 20.04
C2 FRU J . 8.01 14.22 20.60
C3 FRU J . 9.01 14.49 21.77
C4 FRU J . 9.87 13.20 21.73
C5 FRU J . 10.03 13.05 20.22
C6 FRU J . 10.36 11.65 19.70
O1 FRU J . 8.28 16.36 19.36
O2 FRU J . 6.88 13.38 21.01
O3 FRU J . 8.38 14.62 23.06
O4 FRU J . 11.15 13.37 22.35
O5 FRU J . 8.84 13.54 19.62
O6 FRU J . 10.40 11.67 18.28
C1 GLC K . 13.53 5.30 -2.47
C2 GLC K . 14.34 4.18 -3.16
C3 GLC K . 13.51 3.60 -4.33
C4 GLC K . 12.13 3.04 -3.84
C5 GLC K . 11.36 4.11 -2.96
C6 GLC K . 10.15 3.66 -2.13
O2 GLC K . 15.59 4.73 -3.62
O3 GLC K . 14.28 2.56 -4.93
O4 GLC K . 11.38 2.75 -5.01
O5 GLC K . 12.26 4.75 -2.00
O6 GLC K . 10.35 2.44 -1.40
C1 FRU K . 14.74 8.15 -2.46
C2 FRU K . 13.25 7.78 -2.69
C3 FRU K . 12.49 8.85 -3.54
C4 FRU K . 11.03 8.59 -3.14
C5 FRU K . 11.21 8.32 -1.64
C6 FRU K . 10.12 7.44 -1.00
O1 FRU K . 14.92 9.29 -1.64
O2 FRU K . 13.27 6.48 -3.35
O3 FRU K . 12.66 8.71 -4.95
O4 FRU K . 10.19 9.71 -3.34
O5 FRU K . 12.49 7.72 -1.46
O6 FRU K . 10.15 7.58 0.42
N CYS L . 17.31 -41.07 -23.24
CA CYS L . 16.00 -41.31 -22.57
C CYS L . 15.66 -42.80 -22.59
O CYS L . 15.98 -43.49 -23.54
CB CYS L . 14.89 -40.54 -23.30
SG CYS L . 13.69 -39.79 -22.16
N ASP M . 15.03 -43.27 -21.53
CA ASP M . 14.66 -44.68 -21.45
C ASP M . 13.25 -44.89 -21.97
O ASP M . 12.54 -43.87 -22.18
CB ASP M . 14.76 -45.18 -20.00
CG ASP M . 16.17 -45.14 -19.46
OD1 ASP M . 16.77 -44.04 -19.44
OD2 ASP M . 16.69 -46.20 -19.06
#